data_4YYF
#
_entry.id   4YYF
#
_cell.length_a   103.067
_cell.length_b   130.941
_cell.length_c   85.986
_cell.angle_alpha   90.00
_cell.angle_beta   90.00
_cell.angle_gamma   90.00
#
_symmetry.space_group_name_H-M   'P 21 21 2'
#
loop_
_entity.id
_entity.type
_entity.pdbx_description
1 polymer Beta-N-acetylhexosaminidase
2 non-polymer 'ACETATE ION'
3 non-polymer 'SODIUM ION'
4 non-polymer 'FORMIC ACID'
5 non-polymer GLYCEROL
6 water water
#
_entity_poly.entity_id   1
_entity_poly.type   'polypeptide(L)'
_entity_poly.pdbx_seq_one_letter_code
;SNAPDAGPSTGPSGSPD(MSE)QP(MSE)ATTAPLPEAPATCDLAALPARDKLAQLLTVGVTDAADARAVVADHHVGGI
(MSE)IGSWTDLS(MSE)LTDGSLGDIAASAAPLPLAVSVDEEGGRVSRLASLIGSQPSARELARTKTADEVYGIALDRG
RK(MSE)RDLGVTVDFAPVVDVTDAAADTVIGDRSFGSDPAVVTEYAGAYARGLRDAGVLPVLKHFPGHGHASGDSHTGG
VTTPPLDVL(MSE)GDDLVPYRTLTGQAPVAV(MSE)VGH(MSE)QVPGLTGSDPASLSPAVYNLLRSGGYGGPGFGGLV
YTDDLSS(MSE)GAINQRYGVADAVLRALQAGADNALWITTAEVPAVLDRLEQALASGELNQGAVDASLQRNAAVKGPLR
CG
;
_entity_poly.pdbx_strand_id   A,B,C
#
# COMPACT_ATOMS: atom_id res chain seq x y z
N CYS A 34 19.72 5.14 26.96
CA CYS A 34 19.27 6.04 25.90
C CYS A 34 18.49 5.33 24.79
N ASP A 35 18.03 6.12 23.83
CA ASP A 35 16.98 5.71 22.91
C ASP A 35 17.28 6.26 21.52
N LEU A 36 17.28 5.36 20.53
CA LEU A 36 17.59 5.70 19.15
C LEU A 36 16.73 6.86 18.63
N ALA A 37 15.45 6.83 18.95
CA ALA A 37 14.52 7.84 18.44
C ALA A 37 14.74 9.22 19.07
N ALA A 38 15.50 9.26 20.16
CA ALA A 38 15.70 10.49 20.91
C ALA A 38 16.99 11.22 20.59
N LEU A 39 17.72 10.76 19.58
CA LEU A 39 18.94 11.43 19.15
C LEU A 39 18.59 12.78 18.50
N PRO A 40 19.54 13.74 18.53
CA PRO A 40 19.38 15.01 17.82
C PRO A 40 19.14 14.74 16.33
N ALA A 41 18.28 15.53 15.69
CA ALA A 41 17.95 15.32 14.28
C ALA A 41 19.18 15.22 13.39
N ARG A 42 20.18 16.06 13.64
CA ARG A 42 21.37 16.08 12.78
C ARG A 42 22.19 14.80 12.95
N ASP A 43 22.21 14.24 14.15
CA ASP A 43 22.95 13.00 14.35
C ASP A 43 22.23 11.78 13.76
N LYS A 44 20.90 11.83 13.76
CA LYS A 44 20.12 10.82 13.05
C LYS A 44 20.45 10.86 11.58
N LEU A 45 20.51 12.08 11.03
CA LEU A 45 20.84 12.24 9.60
C LEU A 45 22.26 11.80 9.27
N ALA A 46 23.21 12.12 10.16
CA ALA A 46 24.60 11.73 9.90
C ALA A 46 24.76 10.21 9.91
N GLN A 47 23.88 9.52 10.63
CA GLN A 47 23.96 8.07 10.67
C GLN A 47 23.62 7.42 9.32
N LEU A 48 22.99 8.20 8.43
CA LEU A 48 22.58 7.69 7.12
C LEU A 48 23.63 7.91 6.03
N LEU A 49 24.81 8.42 6.43
CA LEU A 49 25.86 8.77 5.47
C LEU A 49 27.08 7.87 5.63
N THR A 50 27.69 7.48 4.52
CA THR A 50 28.99 6.80 4.56
C THR A 50 29.93 7.60 3.67
N VAL A 51 31.10 7.97 4.21
CA VAL A 51 31.98 8.86 3.48
C VAL A 51 33.40 8.34 3.39
N GLY A 52 33.99 8.47 2.20
CA GLY A 52 35.38 8.07 1.98
C GLY A 52 36.31 8.99 2.74
N VAL A 53 37.38 8.43 3.31
CA VAL A 53 38.37 9.17 4.08
C VAL A 53 39.77 8.98 3.49
N THR A 54 40.65 9.98 3.62
CA THR A 54 41.98 9.91 3.01
C THR A 54 43.03 9.33 3.95
N ASP A 55 42.79 9.46 5.26
CA ASP A 55 43.78 9.11 6.27
C ASP A 55 43.15 9.20 7.65
N ALA A 56 43.94 8.86 8.66
CA ALA A 56 43.45 8.85 10.03
C ALA A 56 42.91 10.22 10.47
N ALA A 57 43.62 11.30 10.13
CA ALA A 57 43.22 12.65 10.59
C ALA A 57 41.88 13.06 9.99
N ASP A 58 41.66 12.69 8.74
CA ASP A 58 40.42 12.97 8.03
C ASP A 58 39.27 12.15 8.66
N ALA A 59 39.53 10.87 8.92
CA ALA A 59 38.53 10.01 9.55
C ALA A 59 38.25 10.47 10.98
N ARG A 60 39.30 10.82 11.71
CA ARG A 60 39.11 11.23 13.10
C ARG A 60 38.23 12.48 13.21
N ALA A 61 38.45 13.45 12.34
CA ALA A 61 37.66 14.68 12.36
C ALA A 61 36.21 14.45 11.93
N VAL A 62 35.98 13.66 10.88
CA VAL A 62 34.62 13.51 10.37
C VAL A 62 33.74 12.73 11.38
N VAL A 63 34.34 11.74 12.03
CA VAL A 63 33.61 10.93 13.02
C VAL A 63 33.31 11.72 14.30
N ALA A 64 34.32 12.42 14.84
CA ALA A 64 34.10 13.19 16.07
C ALA A 64 33.26 14.45 15.84
N ASP A 65 33.45 15.10 14.70
CA ASP A 65 32.81 16.41 14.52
C ASP A 65 31.39 16.28 14.00
N HIS A 66 31.13 15.24 13.23
CA HIS A 66 29.84 15.11 12.57
C HIS A 66 29.10 13.82 12.86
N HIS A 67 29.77 12.85 13.48
CA HIS A 67 29.10 11.60 13.86
C HIS A 67 28.52 10.84 12.66
N VAL A 68 29.23 10.88 11.54
CA VAL A 68 28.83 10.09 10.38
C VAL A 68 28.82 8.60 10.73
N GLY A 69 27.83 7.88 10.21
CA GLY A 69 27.64 6.50 10.58
C GLY A 69 28.72 5.59 10.01
N GLY A 70 29.28 5.98 8.88
CA GLY A 70 30.26 5.11 8.24
C GLY A 70 31.36 5.86 7.54
N ILE A 71 32.54 5.24 7.49
CA ILE A 71 33.63 5.75 6.67
C ILE A 71 34.02 4.67 5.67
N ILE A 73 37.01 3.04 3.09
CA ILE A 73 38.41 2.93 2.71
C ILE A 73 38.46 2.71 1.20
N GLY A 74 39.24 3.50 0.49
CA GLY A 74 39.35 3.33 -0.95
C GLY A 74 40.77 3.43 -1.44
N SER A 75 40.94 3.49 -2.75
CA SER A 75 42.27 3.67 -3.34
C SER A 75 42.91 4.99 -2.90
N TRP A 76 42.08 5.94 -2.49
CA TRP A 76 42.52 7.27 -2.06
C TRP A 76 42.95 7.27 -0.58
N THR A 77 42.84 6.13 0.08
CA THR A 77 43.10 6.07 1.52
C THR A 77 44.51 5.59 1.86
N ASP A 78 45.17 6.34 2.74
CA ASP A 78 46.40 5.92 3.42
C ASP A 78 46.06 4.73 4.34
N LEU A 79 46.49 3.52 3.99
CA LEU A 79 46.08 2.31 4.75
C LEU A 79 46.79 2.08 6.09
N SER A 80 47.78 2.92 6.41
CA SER A 80 48.48 2.73 7.67
C SER A 80 47.53 2.83 8.87
N LEU A 82 44.91 1.32 9.31
CA LEU A 82 44.36 0.00 9.61
C LEU A 82 45.29 -0.87 10.46
N THR A 83 46.58 -0.52 10.47
CA THR A 83 47.56 -1.33 11.19
C THR A 83 48.25 -0.60 12.34
N ASP A 84 48.04 0.72 12.46
CA ASP A 84 48.80 1.47 13.47
C ASP A 84 47.99 1.80 14.72
N GLY A 85 46.77 1.27 14.79
CA GLY A 85 45.93 1.48 15.96
C GLY A 85 44.97 2.65 15.83
N SER A 86 45.13 3.46 14.79
CA SER A 86 44.31 4.67 14.73
C SER A 86 42.84 4.39 14.41
N LEU A 87 42.55 3.46 13.50
CA LEU A 87 41.15 3.14 13.24
C LEU A 87 40.46 2.61 14.48
N GLY A 88 41.12 1.70 15.21
CA GLY A 88 40.57 1.16 16.43
C GLY A 88 40.24 2.24 17.44
N ASP A 89 41.15 3.21 17.58
CA ASP A 89 40.96 4.30 18.51
C ASP A 89 39.75 5.17 18.14
N ILE A 90 39.62 5.49 16.87
CA ILE A 90 38.51 6.32 16.37
C ILE A 90 37.18 5.57 16.53
N ALA A 91 37.18 4.29 16.16
CA ALA A 91 35.98 3.46 16.25
C ALA A 91 35.50 3.34 17.69
N ALA A 92 36.41 3.17 18.64
CA ALA A 92 36.02 2.99 20.04
C ALA A 92 35.38 4.24 20.63
N SER A 93 35.75 5.42 20.14
CA SER A 93 35.15 6.61 20.69
C SER A 93 33.95 7.08 19.90
N ALA A 94 33.58 6.36 18.84
CA ALA A 94 32.39 6.71 18.06
C ALA A 94 31.13 6.62 18.91
N ALA A 95 30.25 7.60 18.75
CA ALA A 95 28.97 7.69 19.47
C ALA A 95 28.02 8.53 18.63
N PRO A 96 26.70 8.25 18.73
CA PRO A 96 26.05 7.29 19.63
C PRO A 96 26.07 5.83 19.13
N LEU A 97 26.25 5.60 17.84
CA LEU A 97 26.30 4.23 17.31
C LEU A 97 27.73 3.82 16.97
N PRO A 98 28.00 2.50 16.95
CA PRO A 98 29.32 2.07 16.49
C PRO A 98 29.59 2.53 15.05
N LEU A 99 30.86 2.66 14.69
CA LEU A 99 31.25 3.12 13.37
C LEU A 99 31.29 1.96 12.39
N ALA A 100 30.72 2.15 11.21
CA ALA A 100 30.83 1.15 10.15
C ALA A 100 32.03 1.51 9.28
N VAL A 101 32.82 0.51 8.93
CA VAL A 101 34.04 0.74 8.16
C VAL A 101 33.95 -0.13 6.92
N SER A 102 33.84 0.51 5.74
CA SER A 102 33.54 -0.23 4.52
C SER A 102 34.67 -0.13 3.51
N VAL A 103 34.66 -1.02 2.52
CA VAL A 103 35.71 -1.10 1.52
C VAL A 103 35.19 -1.86 0.30
N ASP A 104 35.74 -1.57 -0.88
CA ASP A 104 35.56 -2.41 -2.06
C ASP A 104 36.61 -3.53 -2.08
N GLU A 105 36.27 -4.70 -1.56
CA GLU A 105 37.23 -5.81 -1.57
C GLU A 105 36.60 -7.02 -2.27
N GLU A 106 36.66 -7.02 -3.61
CA GLU A 106 36.03 -8.03 -4.46
C GLU A 106 37.03 -9.07 -4.90
N GLY A 107 38.29 -8.66 -5.03
CA GLY A 107 39.33 -9.48 -5.61
C GLY A 107 39.60 -9.01 -7.02
N GLY A 108 40.66 -9.51 -7.65
CA GLY A 108 40.98 -9.14 -9.01
C GLY A 108 41.27 -7.66 -9.16
N ARG A 109 40.52 -6.99 -10.04
CA ARG A 109 40.78 -5.57 -10.34
C ARG A 109 40.31 -4.62 -9.23
N VAL A 110 39.43 -5.12 -8.36
CA VAL A 110 38.93 -4.30 -7.26
C VAL A 110 39.25 -4.93 -5.90
N SER A 111 40.42 -4.59 -5.38
CA SER A 111 40.91 -5.26 -4.18
C SER A 111 41.74 -4.26 -3.38
N ARG A 112 41.06 -3.30 -2.77
CA ARG A 112 41.76 -2.18 -2.12
C ARG A 112 42.62 -2.62 -0.93
N LEU A 113 42.36 -3.81 -0.38
CA LEU A 113 43.16 -4.30 0.75
C LEU A 113 44.24 -5.33 0.37
N ALA A 114 44.44 -5.56 -0.93
CA ALA A 114 45.35 -6.61 -1.39
C ALA A 114 46.77 -6.53 -0.83
N SER A 115 47.26 -5.32 -0.58
CA SER A 115 48.63 -5.15 -0.08
C SER A 115 48.76 -5.73 1.34
N LEU A 116 47.63 -5.82 2.03
CA LEU A 116 47.62 -6.32 3.41
C LEU A 116 47.04 -7.72 3.55
N ILE A 117 46.10 -8.09 2.69
CA ILE A 117 45.46 -9.39 2.86
C ILE A 117 45.78 -10.39 1.75
N GLY A 118 46.59 -9.97 0.79
CA GLY A 118 46.96 -10.81 -0.33
C GLY A 118 46.04 -10.58 -1.50
N SER A 119 46.48 -10.93 -2.70
CA SER A 119 45.58 -10.80 -3.85
C SER A 119 44.71 -12.05 -4.03
N GLN A 120 43.61 -11.88 -4.75
CA GLN A 120 42.68 -12.97 -5.05
C GLN A 120 42.36 -12.84 -6.52
N PRO A 121 42.17 -13.98 -7.22
CA PRO A 121 41.69 -13.89 -8.61
C PRO A 121 40.36 -13.13 -8.71
N SER A 122 40.05 -12.60 -9.88
CA SER A 122 38.79 -11.93 -10.12
C SER A 122 37.63 -12.90 -9.89
N ALA A 123 36.43 -12.35 -9.71
CA ALA A 123 35.21 -13.14 -9.54
C ALA A 123 35.06 -14.13 -10.69
N ARG A 124 35.32 -13.66 -11.90
CA ARG A 124 35.16 -14.50 -13.08
C ARG A 124 36.14 -15.67 -13.08
N GLU A 125 37.39 -15.40 -12.71
CA GLU A 125 38.40 -16.45 -12.65
C GLU A 125 38.09 -17.46 -11.53
N LEU A 126 37.54 -16.97 -10.44
CA LEU A 126 37.15 -17.89 -9.36
C LEU A 126 36.10 -18.87 -9.85
N ALA A 127 35.12 -18.36 -10.58
CA ALA A 127 34.03 -19.22 -11.05
C ALA A 127 34.55 -20.24 -12.05
N ARG A 128 35.64 -19.91 -12.74
CA ARG A 128 36.18 -20.80 -13.77
C ARG A 128 37.11 -21.86 -13.22
N THR A 129 37.71 -21.61 -12.07
CA THR A 129 38.80 -22.46 -11.60
C THR A 129 38.53 -23.10 -10.23
N LYS A 130 37.47 -22.68 -9.56
CA LYS A 130 37.15 -23.13 -8.20
C LYS A 130 35.72 -23.66 -8.10
N THR A 131 35.49 -24.53 -7.13
CA THR A 131 34.13 -24.94 -6.81
C THR A 131 33.51 -23.86 -5.94
N ALA A 132 32.19 -23.84 -5.87
CA ALA A 132 31.50 -22.92 -4.96
C ALA A 132 31.95 -23.10 -3.50
N ASP A 133 32.23 -24.33 -3.08
CA ASP A 133 32.68 -24.53 -1.69
C ASP A 133 34.05 -23.91 -1.45
N GLU A 134 34.91 -23.99 -2.48
CA GLU A 134 36.22 -23.36 -2.42
C GLU A 134 36.10 -21.83 -2.35
N VAL A 135 35.15 -21.28 -3.09
CA VAL A 135 34.94 -19.82 -3.06
C VAL A 135 34.42 -19.39 -1.69
N TYR A 136 33.57 -20.21 -1.08
CA TYR A 136 33.12 -19.94 0.28
C TYR A 136 34.32 -19.81 1.22
N GLY A 137 35.23 -20.77 1.13
CA GLY A 137 36.42 -20.79 1.98
C GLY A 137 37.34 -19.60 1.73
N ILE A 138 37.46 -19.19 0.47
CA ILE A 138 38.28 -18.03 0.15
C ILE A 138 37.69 -16.76 0.77
N ALA A 139 36.37 -16.60 0.62
CA ALA A 139 35.68 -15.43 1.18
C ALA A 139 35.72 -15.41 2.70
N LEU A 140 35.57 -16.57 3.32
CA LEU A 140 35.70 -16.69 4.76
C LEU A 140 37.09 -16.25 5.24
N ASP A 141 38.13 -16.81 4.63
CA ASP A 141 39.50 -16.46 5.00
C ASP A 141 39.76 -14.97 4.84
N ARG A 142 39.32 -14.40 3.73
CA ARG A 142 39.56 -12.98 3.49
C ARG A 142 38.72 -12.08 4.36
N GLY A 143 37.49 -12.50 4.64
CA GLY A 143 36.65 -11.81 5.60
C GLY A 143 37.30 -11.69 6.98
N ARG A 144 37.90 -12.77 7.46
CA ARG A 144 38.57 -12.73 8.76
C ARG A 144 39.74 -11.76 8.70
N LYS A 145 40.45 -11.75 7.58
CA LYS A 145 41.58 -10.84 7.41
C LYS A 145 41.11 -9.39 7.40
N ARG A 147 38.28 -8.33 9.01
CA ARG A 147 37.90 -8.09 10.41
C ARG A 147 39.11 -7.70 11.25
N ASP A 148 40.24 -8.41 11.07
CA ASP A 148 41.47 -8.09 11.79
C ASP A 148 41.88 -6.63 11.58
N LEU A 149 41.54 -6.10 10.42
CA LEU A 149 41.90 -4.72 10.09
C LEU A 149 40.83 -3.71 10.50
N GLY A 150 39.75 -4.18 11.13
CA GLY A 150 38.71 -3.26 11.56
C GLY A 150 37.60 -3.01 10.56
N VAL A 151 37.61 -3.73 9.45
CA VAL A 151 36.55 -3.59 8.44
C VAL A 151 35.27 -4.26 8.96
N THR A 152 34.13 -3.61 8.77
CA THR A 152 32.81 -4.20 9.12
C THR A 152 31.90 -4.50 7.94
N VAL A 153 32.15 -3.82 6.82
CA VAL A 153 31.30 -3.95 5.64
C VAL A 153 32.17 -4.12 4.40
N ASP A 154 31.86 -5.11 3.57
CA ASP A 154 32.53 -5.25 2.27
C ASP A 154 31.49 -5.03 1.18
N PHE A 155 31.76 -4.11 0.26
CA PHE A 155 30.86 -3.92 -0.87
C PHE A 155 31.12 -5.01 -1.90
N ALA A 156 30.70 -6.23 -1.54
CA ALA A 156 30.86 -7.41 -2.37
C ALA A 156 29.91 -8.44 -1.80
N PRO A 157 29.46 -9.41 -2.62
CA PRO A 157 29.84 -9.69 -4.00
C PRO A 157 29.01 -8.91 -5.01
N VAL A 158 29.64 -8.67 -6.15
CA VAL A 158 28.95 -8.25 -7.35
C VAL A 158 28.04 -9.39 -7.79
N VAL A 159 26.77 -9.09 -8.04
CA VAL A 159 25.87 -10.11 -8.56
C VAL A 159 25.42 -9.74 -9.97
N ASP A 160 26.01 -8.68 -10.52
CA ASP A 160 25.84 -8.36 -11.92
C ASP A 160 26.17 -9.56 -12.81
N VAL A 161 25.40 -9.70 -13.88
CA VAL A 161 25.52 -10.81 -14.81
C VAL A 161 26.01 -10.23 -16.12
N THR A 162 27.12 -10.75 -16.66
CA THR A 162 27.65 -10.20 -17.91
C THR A 162 28.62 -11.14 -18.61
N ASP A 163 28.79 -10.90 -19.90
CA ASP A 163 29.79 -11.60 -20.71
C ASP A 163 30.79 -10.61 -21.30
N ALA A 164 30.78 -9.38 -20.81
CA ALA A 164 31.69 -8.34 -21.30
C ALA A 164 33.16 -8.73 -21.12
N ALA A 165 34.02 -8.13 -21.94
CA ALA A 165 35.46 -8.27 -21.78
C ALA A 165 35.91 -8.01 -20.35
N ALA A 166 36.95 -8.73 -19.91
CA ALA A 166 37.39 -8.69 -18.53
C ALA A 166 37.60 -7.28 -17.94
N ASP A 167 38.39 -6.45 -18.62
CA ASP A 167 38.71 -5.11 -18.05
C ASP A 167 37.74 -4.04 -18.53
N THR A 168 36.45 -4.28 -18.34
CA THR A 168 35.42 -3.26 -18.58
C THR A 168 34.80 -2.93 -17.23
N VAL A 169 33.80 -2.04 -17.19
CA VAL A 169 33.30 -1.55 -15.91
C VAL A 169 32.91 -2.68 -14.94
N ILE A 170 32.12 -3.64 -15.42
CA ILE A 170 31.84 -4.84 -14.64
C ILE A 170 32.84 -5.92 -15.07
N GLY A 171 32.64 -6.48 -16.26
CA GLY A 171 33.61 -7.41 -16.82
C GLY A 171 33.96 -8.54 -15.86
N ASP A 172 35.25 -8.78 -15.63
CA ASP A 172 35.66 -9.91 -14.78
C ASP A 172 35.29 -9.76 -13.30
N ARG A 173 34.64 -8.66 -12.93
CA ARG A 173 34.12 -8.51 -11.58
C ARG A 173 32.84 -9.33 -11.40
N SER A 174 32.30 -9.83 -12.51
CA SER A 174 31.09 -10.66 -12.46
C SER A 174 31.43 -12.15 -12.41
N PHE A 175 30.69 -12.90 -11.62
CA PHE A 175 30.92 -14.34 -11.52
C PHE A 175 30.46 -15.12 -12.76
N GLY A 176 29.71 -14.49 -13.65
CA GLY A 176 29.35 -15.18 -14.88
C GLY A 176 28.21 -14.56 -15.67
N SER A 177 27.94 -15.16 -16.83
CA SER A 177 26.90 -14.70 -17.73
C SER A 177 25.61 -15.48 -17.49
N ASP A 178 25.69 -16.49 -16.64
CA ASP A 178 24.54 -17.33 -16.32
C ASP A 178 24.08 -16.96 -14.92
N PRO A 179 22.84 -16.47 -14.78
CA PRO A 179 22.35 -16.04 -13.46
C PRO A 179 22.42 -17.14 -12.41
N ALA A 180 22.29 -18.40 -12.84
CA ALA A 180 22.32 -19.52 -11.89
C ALA A 180 23.74 -19.69 -11.35
N VAL A 181 24.72 -19.46 -12.21
CA VAL A 181 26.13 -19.49 -11.79
C VAL A 181 26.42 -18.34 -10.84
N VAL A 182 25.91 -17.15 -11.15
CA VAL A 182 26.10 -16.02 -10.26
C VAL A 182 25.52 -16.33 -8.89
N THR A 183 24.30 -16.86 -8.87
CA THR A 183 23.64 -17.17 -7.59
C THR A 183 24.48 -18.13 -6.76
N GLU A 184 24.97 -19.19 -7.37
CA GLU A 184 25.79 -20.16 -6.65
C GLU A 184 27.07 -19.53 -6.12
N TYR A 185 27.83 -18.86 -7.00
CA TYR A 185 29.15 -18.38 -6.62
C TYR A 185 29.12 -17.10 -5.77
N ALA A 186 28.33 -16.11 -6.18
CA ALA A 186 28.21 -14.92 -5.33
C ALA A 186 27.58 -15.29 -3.99
N GLY A 187 26.63 -16.21 -4.03
CA GLY A 187 26.00 -16.68 -2.80
C GLY A 187 27.03 -17.26 -1.83
N ALA A 188 27.95 -18.03 -2.38
CA ALA A 188 29.03 -18.63 -1.60
C ALA A 188 29.94 -17.54 -1.06
N TYR A 189 30.22 -16.55 -1.90
CA TYR A 189 31.12 -15.47 -1.50
C TYR A 189 30.48 -14.67 -0.37
N ALA A 190 29.19 -14.38 -0.51
CA ALA A 190 28.48 -13.61 0.51
C ALA A 190 28.43 -14.38 1.83
N ARG A 191 28.23 -15.70 1.72
CA ARG A 191 28.10 -16.55 2.89
C ARG A 191 29.43 -16.59 3.66
N GLY A 192 30.54 -16.62 2.92
CA GLY A 192 31.87 -16.61 3.53
C GLY A 192 32.13 -15.32 4.28
N LEU A 193 31.80 -14.19 3.67
CA LEU A 193 31.95 -12.90 4.32
C LEU A 193 31.10 -12.84 5.58
N ARG A 194 29.83 -13.22 5.43
CA ARG A 194 28.87 -13.24 6.53
C ARG A 194 29.37 -14.11 7.68
N ASP A 195 29.89 -15.29 7.38
CA ASP A 195 30.37 -16.18 8.44
C ASP A 195 31.63 -15.64 9.14
N ALA A 196 32.35 -14.75 8.47
CA ALA A 196 33.47 -14.03 9.07
C ALA A 196 32.98 -12.87 9.94
N GLY A 197 31.71 -12.51 9.79
CA GLY A 197 31.14 -11.41 10.56
C GLY A 197 31.23 -10.07 9.83
N VAL A 198 31.50 -10.14 8.53
CA VAL A 198 31.53 -8.95 7.68
C VAL A 198 30.17 -8.84 7.03
N LEU A 199 29.61 -7.64 6.94
CA LEU A 199 28.34 -7.47 6.23
C LEU A 199 28.59 -7.46 4.73
N PRO A 200 28.07 -8.46 4.00
CA PRO A 200 28.22 -8.41 2.54
C PRO A 200 27.15 -7.52 1.91
N VAL A 201 27.48 -6.92 0.76
CA VAL A 201 26.53 -6.03 0.06
C VAL A 201 26.42 -6.45 -1.40
N LEU A 202 25.25 -6.96 -1.78
CA LEU A 202 24.99 -7.37 -3.16
C LEU A 202 24.86 -6.15 -4.07
N LYS A 203 25.56 -6.14 -5.21
CA LYS A 203 25.54 -4.95 -6.09
C LYS A 203 25.64 -5.38 -7.56
N HIS A 204 25.20 -4.57 -8.53
CA HIS A 204 24.60 -3.24 -8.35
C HIS A 204 23.13 -3.28 -8.81
N PHE A 205 22.20 -3.29 -7.86
CA PHE A 205 20.76 -3.46 -8.12
C PHE A 205 20.17 -2.31 -8.95
N PRO A 206 19.28 -2.62 -9.92
CA PRO A 206 18.79 -3.95 -10.34
C PRO A 206 19.63 -4.62 -11.43
N GLY A 207 20.87 -4.19 -11.62
CA GLY A 207 21.76 -4.87 -12.54
C GLY A 207 22.56 -3.98 -13.48
N HIS A 208 23.88 -3.97 -13.30
CA HIS A 208 24.78 -3.13 -14.13
C HIS A 208 25.42 -3.97 -15.22
N GLY A 209 25.23 -5.28 -15.15
CA GLY A 209 25.94 -6.21 -16.04
C GLY A 209 25.70 -6.00 -17.52
N HIS A 210 24.50 -5.56 -17.89
CA HIS A 210 24.21 -5.35 -19.32
C HIS A 210 23.94 -3.87 -19.64
N ALA A 211 24.42 -2.98 -18.78
CA ALA A 211 24.23 -1.54 -18.99
C ALA A 211 25.01 -1.04 -20.21
N SER A 212 24.61 0.11 -20.76
CA SER A 212 25.17 0.62 -22.02
C SER A 212 26.59 1.19 -21.95
N GLY A 213 27.15 1.32 -20.75
CA GLY A 213 28.48 1.90 -20.61
C GLY A 213 28.90 1.96 -19.16
N ASP A 214 29.80 2.88 -18.84
CA ASP A 214 30.41 2.99 -17.51
C ASP A 214 29.79 4.15 -16.72
N SER A 215 29.06 3.83 -15.65
CA SER A 215 28.40 4.87 -14.85
C SER A 215 29.39 5.80 -14.13
N HIS A 216 30.66 5.41 -14.06
CA HIS A 216 31.68 6.30 -13.49
C HIS A 216 31.82 7.56 -14.34
N THR A 217 31.58 7.43 -15.64
CA THR A 217 31.90 8.53 -16.54
C THR A 217 30.69 9.27 -17.11
N GLY A 218 29.50 8.71 -16.95
CA GLY A 218 28.32 9.36 -17.48
C GLY A 218 27.09 8.50 -17.31
N GLY A 219 25.97 8.92 -17.88
CA GLY A 219 24.72 8.19 -17.74
C GLY A 219 24.77 6.91 -18.53
N VAL A 220 24.13 5.87 -18.00
CA VAL A 220 24.03 4.58 -18.68
C VAL A 220 22.60 4.02 -18.58
N THR A 221 22.25 3.14 -19.50
CA THR A 221 20.92 2.53 -19.56
C THR A 221 21.02 0.99 -19.57
N THR A 222 20.11 0.33 -18.85
CA THR A 222 20.05 -1.14 -18.85
C THR A 222 19.03 -1.62 -19.88
N PRO A 223 18.97 -2.95 -20.11
CA PRO A 223 17.81 -3.49 -20.82
C PRO A 223 16.54 -3.18 -20.02
N PRO A 224 15.36 -3.26 -20.66
CA PRO A 224 14.13 -2.92 -19.94
C PRO A 224 13.88 -3.84 -18.75
N LEU A 225 13.07 -3.38 -17.79
CA LEU A 225 12.76 -4.16 -16.59
C LEU A 225 12.30 -5.58 -16.89
N ASP A 226 11.45 -5.75 -17.89
CA ASP A 226 10.93 -7.10 -18.16
C ASP A 226 12.07 -8.05 -18.60
N VAL A 227 13.12 -7.48 -19.19
CA VAL A 227 14.31 -8.29 -19.49
C VAL A 227 15.12 -8.56 -18.22
N LEU A 228 15.25 -7.56 -17.36
CA LEU A 228 16.01 -7.74 -16.12
C LEU A 228 15.35 -8.81 -15.26
N GLY A 230 14.03 -11.58 -15.93
CA GLY A 230 14.38 -12.96 -16.24
C GLY A 230 15.86 -13.27 -16.24
N ASP A 231 16.69 -12.30 -15.86
CA ASP A 231 18.14 -12.43 -16.00
C ASP A 231 18.87 -11.76 -14.84
N ASP A 232 19.10 -10.46 -14.98
CA ASP A 232 19.89 -9.71 -13.99
C ASP A 232 19.34 -9.78 -12.56
N LEU A 233 18.03 -9.87 -12.42
CA LEU A 233 17.41 -9.81 -11.09
C LEU A 233 17.35 -11.18 -10.43
N VAL A 234 17.63 -12.23 -11.19
CA VAL A 234 17.51 -13.60 -10.66
C VAL A 234 18.31 -13.87 -9.37
N PRO A 235 19.59 -13.46 -9.31
CA PRO A 235 20.37 -13.73 -8.08
C PRO A 235 19.76 -13.12 -6.81
N TYR A 236 19.18 -11.93 -6.91
CA TYR A 236 18.59 -11.28 -5.74
C TYR A 236 17.44 -12.10 -5.13
N ARG A 237 16.74 -12.88 -5.95
N ARG A 237 16.75 -12.88 -5.95
CA ARG A 237 15.58 -13.63 -5.48
CA ARG A 237 15.60 -13.65 -5.50
C ARG A 237 15.91 -14.56 -4.32
C ARG A 237 15.91 -14.57 -4.33
N THR A 238 17.10 -15.16 -4.33
CA THR A 238 17.49 -16.01 -3.22
C THR A 238 18.49 -15.34 -2.27
N LEU A 239 19.36 -14.49 -2.79
CA LEU A 239 20.46 -13.97 -1.99
C LEU A 239 20.06 -12.89 -0.99
N THR A 240 19.00 -12.14 -1.30
CA THR A 240 18.54 -11.10 -0.35
C THR A 240 17.91 -11.68 0.90
N GLY A 241 17.52 -12.96 0.84
CA GLY A 241 16.88 -13.63 1.96
C GLY A 241 17.84 -14.35 2.88
N GLN A 242 19.14 -14.24 2.58
CA GLN A 242 20.18 -14.86 3.40
C GLN A 242 20.86 -13.77 4.24
N ALA A 243 20.39 -13.60 5.47
CA ALA A 243 20.76 -12.48 6.33
C ALA A 243 21.89 -12.85 7.30
N PRO A 244 22.68 -11.84 7.74
CA PRO A 244 22.61 -10.44 7.33
C PRO A 244 23.18 -10.19 5.95
N VAL A 245 22.54 -9.27 5.24
CA VAL A 245 22.98 -8.91 3.90
C VAL A 245 22.42 -7.52 3.62
N ALA A 246 23.12 -6.76 2.79
CA ALA A 246 22.66 -5.45 2.35
C ALA A 246 22.63 -5.46 0.85
N VAL A 247 22.03 -4.43 0.25
CA VAL A 247 21.99 -4.30 -1.20
C VAL A 247 22.51 -2.91 -1.53
N VAL A 249 22.31 -0.09 -4.63
CA VAL A 249 21.63 0.27 -5.87
C VAL A 249 22.55 1.11 -6.75
N GLY A 250 22.64 0.78 -8.04
CA GLY A 250 23.54 1.49 -8.93
C GLY A 250 22.86 2.68 -9.59
N HIS A 251 23.58 3.37 -10.48
CA HIS A 251 23.09 4.61 -11.06
C HIS A 251 22.50 4.44 -12.47
N GLN A 253 20.03 3.95 -15.59
CA GLN A 253 18.64 4.24 -15.89
C GLN A 253 18.00 2.95 -16.41
N VAL A 254 16.82 2.61 -15.91
CA VAL A 254 16.15 1.37 -16.29
C VAL A 254 14.83 1.64 -17.00
N PRO A 255 14.73 1.32 -18.31
CA PRO A 255 13.47 1.51 -19.04
C PRO A 255 12.37 0.65 -18.43
N GLY A 256 11.17 1.21 -18.27
CA GLY A 256 10.08 0.49 -17.65
C GLY A 256 10.15 0.50 -16.13
N LEU A 257 11.14 1.19 -15.57
CA LEU A 257 11.25 1.27 -14.11
C LEU A 257 11.55 2.70 -13.64
N THR A 258 12.67 3.26 -14.08
CA THR A 258 13.15 4.54 -13.56
C THR A 258 13.07 5.68 -14.57
N GLY A 259 12.68 5.35 -15.80
CA GLY A 259 12.66 6.35 -16.86
C GLY A 259 14.05 6.90 -17.11
N SER A 260 14.21 8.21 -16.95
CA SER A 260 15.52 8.83 -17.18
C SER A 260 16.24 9.12 -15.86
N ASP A 261 15.69 8.65 -14.75
CA ASP A 261 16.33 8.85 -13.45
C ASP A 261 17.33 7.74 -13.19
N PRO A 262 18.48 8.09 -12.60
CA PRO A 262 19.39 7.03 -12.16
C PRO A 262 18.68 6.15 -11.15
N ALA A 263 18.95 4.84 -11.16
CA ALA A 263 18.13 3.93 -10.35
C ALA A 263 18.25 4.28 -8.86
N SER A 264 19.45 4.65 -8.42
CA SER A 264 19.70 5.05 -7.04
C SER A 264 18.85 6.24 -6.56
N LEU A 265 18.33 7.02 -7.49
CA LEU A 265 17.56 8.23 -7.15
C LEU A 265 16.08 8.12 -7.52
N SER A 266 15.62 6.91 -7.81
CA SER A 266 14.24 6.73 -8.26
C SER A 266 13.46 5.91 -7.23
N PRO A 267 12.30 6.44 -6.76
CA PRO A 267 11.48 5.71 -5.79
C PRO A 267 11.07 4.35 -6.33
N ALA A 268 10.88 4.27 -7.64
CA ALA A 268 10.46 3.01 -8.24
C ALA A 268 11.41 1.86 -7.93
N VAL A 269 12.71 2.15 -7.90
CA VAL A 269 13.71 1.13 -7.65
C VAL A 269 13.56 0.54 -6.26
N TYR A 270 13.40 1.43 -5.27
CA TYR A 270 13.28 1.01 -3.88
C TYR A 270 11.95 0.31 -3.64
N ASN A 271 10.88 0.83 -4.24
CA ASN A 271 9.61 0.12 -4.14
C ASN A 271 9.72 -1.30 -4.69
N LEU A 272 10.45 -1.46 -5.79
CA LEU A 272 10.60 -2.77 -6.42
C LEU A 272 11.26 -3.74 -5.43
N LEU A 273 12.30 -3.25 -4.76
CA LEU A 273 13.06 -4.04 -3.79
C LEU A 273 12.25 -4.31 -2.53
N ARG A 274 11.60 -3.29 -1.97
CA ARG A 274 10.84 -3.44 -0.72
C ARG A 274 9.60 -4.31 -0.87
N SER A 275 8.93 -4.22 -2.02
CA SER A 275 7.63 -4.86 -2.19
C SER A 275 7.73 -6.32 -2.61
N GLY A 276 8.89 -6.71 -3.11
CA GLY A 276 9.04 -8.06 -3.66
C GLY A 276 8.73 -8.08 -5.14
N GLY A 277 8.56 -6.91 -5.72
CA GLY A 277 8.22 -6.79 -7.13
C GLY A 277 9.33 -7.30 -8.04
N TYR A 278 10.55 -7.37 -7.51
CA TYR A 278 11.68 -7.83 -8.30
C TYR A 278 11.65 -9.35 -8.49
N GLY A 279 10.70 -10.02 -7.83
CA GLY A 279 10.54 -11.46 -7.99
C GLY A 279 11.00 -12.30 -6.82
N GLY A 280 11.49 -11.64 -5.78
CA GLY A 280 11.91 -12.32 -4.57
C GLY A 280 11.12 -11.73 -3.43
N PRO A 281 11.30 -12.26 -2.21
CA PRO A 281 10.58 -11.70 -1.07
C PRO A 281 10.99 -10.24 -0.84
N GLY A 282 10.05 -9.40 -0.42
CA GLY A 282 10.33 -7.99 -0.17
C GLY A 282 11.48 -7.84 0.82
N PHE A 283 12.43 -6.98 0.49
CA PHE A 283 13.66 -6.86 1.27
C PHE A 283 13.55 -5.76 2.31
N GLY A 284 13.82 -6.11 3.57
CA GLY A 284 13.68 -5.16 4.67
C GLY A 284 15.02 -4.71 5.25
N GLY A 285 16.12 -5.17 4.67
CA GLY A 285 17.43 -4.81 5.18
C GLY A 285 17.99 -3.51 4.62
N LEU A 286 19.28 -3.33 4.86
CA LEU A 286 19.96 -2.08 4.58
C LEU A 286 20.25 -1.92 3.09
N VAL A 287 19.96 -0.74 2.56
CA VAL A 287 20.18 -0.46 1.15
C VAL A 287 21.11 0.75 0.98
N TYR A 288 22.26 0.54 0.35
CA TYR A 288 23.22 1.61 0.06
C TYR A 288 23.02 2.14 -1.34
N THR A 289 23.49 3.37 -1.59
CA THR A 289 23.69 3.83 -2.97
C THR A 289 25.14 3.58 -3.37
N ASP A 290 25.39 3.54 -4.66
CA ASP A 290 26.75 3.60 -5.19
C ASP A 290 27.22 5.04 -4.99
N ASP A 291 28.49 5.29 -5.27
CA ASP A 291 29.15 6.59 -5.03
C ASP A 291 28.43 7.75 -5.71
N LEU A 292 27.95 8.70 -4.90
CA LEU A 292 27.15 9.83 -5.37
C LEU A 292 27.94 11.07 -5.79
N SER A 293 29.25 11.11 -5.54
CA SER A 293 30.01 12.34 -5.79
C SER A 293 30.96 12.26 -7.00
N SER A 294 31.69 11.17 -7.15
CA SER A 294 32.71 11.11 -8.19
C SER A 294 32.20 10.53 -9.48
N GLY A 296 30.02 10.14 -12.80
CA GLY A 296 29.38 11.01 -13.77
C GLY A 296 27.89 10.80 -13.98
N ALA A 297 27.41 9.57 -13.80
CA ALA A 297 25.98 9.30 -13.96
C ALA A 297 25.15 10.15 -12.99
N ILE A 298 25.75 10.47 -11.85
CA ILE A 298 25.12 11.33 -10.86
C ILE A 298 25.59 12.78 -10.95
N ASN A 299 26.91 12.97 -10.93
CA ASN A 299 27.43 14.32 -10.68
C ASN A 299 27.23 15.29 -11.83
N GLN A 300 26.91 14.76 -13.01
CA GLN A 300 26.62 15.61 -14.15
C GLN A 300 25.22 16.21 -14.06
N ARG A 301 24.43 15.70 -13.14
CA ARG A 301 23.04 16.16 -13.00
C ARG A 301 22.78 16.79 -11.63
N TYR A 302 23.46 16.28 -10.61
CA TYR A 302 23.21 16.70 -9.24
C TYR A 302 24.49 16.87 -8.44
N GLY A 303 24.56 17.95 -7.65
CA GLY A 303 25.65 18.13 -6.70
C GLY A 303 25.49 17.15 -5.55
N VAL A 304 26.49 17.04 -4.69
CA VAL A 304 26.45 16.03 -3.64
C VAL A 304 25.23 16.14 -2.70
N ALA A 305 24.97 17.33 -2.18
CA ALA A 305 23.86 17.49 -1.24
C ALA A 305 22.51 17.15 -1.89
N ASP A 306 22.30 17.61 -3.12
CA ASP A 306 21.07 17.32 -3.84
C ASP A 306 20.94 15.82 -4.13
N ALA A 307 22.05 15.17 -4.48
CA ALA A 307 22.05 13.73 -4.79
C ALA A 307 21.73 12.90 -3.56
N VAL A 308 22.31 13.29 -2.43
CA VAL A 308 22.04 12.59 -1.17
C VAL A 308 20.58 12.73 -0.78
N LEU A 309 20.07 13.96 -0.87
CA LEU A 309 18.65 14.21 -0.61
C LEU A 309 17.75 13.34 -1.50
N ARG A 310 18.00 13.35 -2.81
CA ARG A 310 17.21 12.56 -3.74
C ARG A 310 17.27 11.06 -3.43
N ALA A 311 18.44 10.57 -3.04
CA ALA A 311 18.58 9.16 -2.70
C ALA A 311 17.74 8.80 -1.48
N LEU A 312 17.85 9.58 -0.41
CA LEU A 312 17.09 9.31 0.81
C LEU A 312 15.60 9.49 0.60
N GLN A 313 15.23 10.43 -0.27
CA GLN A 313 13.81 10.60 -0.65
C GLN A 313 13.32 9.36 -1.39
N ALA A 314 14.16 8.82 -2.26
CA ALA A 314 13.75 7.72 -3.12
C ALA A 314 13.62 6.42 -2.31
N GLY A 315 14.44 6.26 -1.28
CA GLY A 315 14.30 5.10 -0.42
C GLY A 315 15.58 4.44 0.02
N ALA A 316 16.73 5.02 -0.32
CA ALA A 316 17.99 4.48 0.18
C ALA A 316 18.06 4.66 1.70
N ASP A 317 18.70 3.71 2.38
CA ASP A 317 18.94 3.85 3.82
C ASP A 317 20.29 4.48 4.08
N ASN A 318 21.17 4.43 3.09
CA ASN A 318 22.53 4.88 3.31
C ASN A 318 23.11 5.51 2.05
N ALA A 319 23.44 6.80 2.16
CA ALA A 319 23.97 7.56 1.04
C ALA A 319 25.48 7.58 1.13
N LEU A 320 26.13 7.09 0.09
CA LEU A 320 27.58 6.90 0.07
C LEU A 320 28.23 7.83 -0.94
N TRP A 321 29.30 8.51 -0.54
CA TRP A 321 30.17 9.22 -1.49
C TRP A 321 31.59 9.24 -0.94
N ILE A 322 32.56 9.71 -1.72
CA ILE A 322 33.93 9.34 -1.42
C ILE A 322 34.83 10.39 -0.78
N THR A 323 34.23 11.49 -0.31
CA THR A 323 34.99 12.54 0.38
C THR A 323 34.22 13.03 1.61
N THR A 324 34.95 13.63 2.55
CA THR A 324 34.35 14.14 3.79
C THR A 324 34.01 15.63 3.75
N ALA A 325 34.59 16.36 2.78
CA ALA A 325 34.44 17.83 2.76
C ALA A 325 33.00 18.29 2.73
N GLU A 326 32.13 17.54 2.07
CA GLU A 326 30.77 17.99 1.83
C GLU A 326 29.82 17.72 3.01
N VAL A 327 30.31 17.01 4.01
CA VAL A 327 29.42 16.52 5.07
C VAL A 327 28.60 17.62 5.77
N PRO A 328 29.24 18.72 6.20
CA PRO A 328 28.37 19.71 6.86
C PRO A 328 27.34 20.36 5.93
N ALA A 329 27.68 20.57 4.66
CA ALA A 329 26.72 21.13 3.69
C ALA A 329 25.59 20.14 3.42
N VAL A 330 25.93 18.86 3.37
CA VAL A 330 24.93 17.82 3.17
C VAL A 330 23.96 17.77 4.34
N LEU A 331 24.49 17.73 5.55
CA LEU A 331 23.65 17.72 6.75
C LEU A 331 22.76 18.96 6.82
N ASP A 332 23.31 20.11 6.46
CA ASP A 332 22.51 21.34 6.37
C ASP A 332 21.33 21.17 5.43
N ARG A 333 21.58 20.58 4.27
CA ARG A 333 20.52 20.46 3.27
C ARG A 333 19.47 19.44 3.73
N LEU A 334 19.91 18.40 4.45
CA LEU A 334 18.99 17.39 4.90
C LEU A 334 18.04 17.92 5.98
N GLU A 335 18.57 18.74 6.89
CA GLU A 335 17.74 19.40 7.88
C GLU A 335 16.70 20.33 7.22
N GLN A 336 17.11 21.05 6.18
CA GLN A 336 16.17 21.90 5.47
C GLN A 336 15.07 21.09 4.78
N ALA A 337 15.43 19.93 4.25
CA ALA A 337 14.46 19.06 3.59
C ALA A 337 13.43 18.54 4.58
N LEU A 338 13.88 18.26 5.79
CA LEU A 338 13.00 17.83 6.87
C LEU A 338 11.99 18.92 7.14
N ALA A 339 12.49 20.15 7.26
CA ALA A 339 11.64 21.30 7.55
C ALA A 339 10.67 21.58 6.41
N SER A 340 11.12 21.38 5.17
CA SER A 340 10.26 21.71 4.03
C SER A 340 9.33 20.55 3.68
N GLY A 341 9.62 19.36 4.23
CA GLY A 341 8.83 18.17 3.92
C GLY A 341 9.27 17.49 2.64
N GLU A 342 10.43 17.89 2.13
CA GLU A 342 11.01 17.22 0.99
C GLU A 342 11.45 15.84 1.43
N LEU A 343 11.77 15.74 2.71
CA LEU A 343 12.23 14.48 3.29
C LEU A 343 11.35 14.18 4.50
N ASN A 344 10.67 13.04 4.49
CA ASN A 344 9.76 12.71 5.57
C ASN A 344 10.50 12.19 6.79
N GLN A 345 10.05 12.57 7.99
CA GLN A 345 10.65 12.06 9.22
C GLN A 345 10.67 10.53 9.27
N GLY A 346 9.63 9.90 8.71
CA GLY A 346 9.52 8.46 8.71
C GLY A 346 10.60 7.80 7.89
N ALA A 347 11.02 8.48 6.82
CA ALA A 347 12.05 7.92 5.96
C ALA A 347 13.37 7.88 6.72
N VAL A 348 13.60 8.93 7.50
CA VAL A 348 14.82 9.04 8.29
C VAL A 348 14.83 8.01 9.41
N ASP A 349 13.71 7.91 10.14
CA ASP A 349 13.61 6.97 11.25
C ASP A 349 13.75 5.51 10.81
N ALA A 350 13.06 5.14 9.72
CA ALA A 350 13.14 3.75 9.25
C ALA A 350 14.57 3.39 8.88
N SER A 351 15.25 4.31 8.21
CA SER A 351 16.62 4.07 7.74
C SER A 351 17.62 4.10 8.89
N LEU A 352 17.36 4.95 9.87
CA LEU A 352 18.17 4.98 11.08
C LEU A 352 18.12 3.61 11.79
N GLN A 353 16.91 3.07 11.95
CA GLN A 353 16.75 1.73 12.52
C GLN A 353 17.48 0.64 11.73
N ARG A 354 17.39 0.68 10.40
CA ARG A 354 18.07 -0.32 9.59
C ARG A 354 19.58 -0.24 9.71
N ASN A 355 20.10 0.98 9.79
CA ASN A 355 21.54 1.17 9.99
C ASN A 355 21.97 0.69 11.34
N ALA A 356 21.15 0.91 12.37
CA ALA A 356 21.48 0.45 13.71
C ALA A 356 21.40 -1.06 13.82
N ALA A 357 20.48 -1.66 13.07
CA ALA A 357 20.22 -3.10 13.21
C ALA A 357 21.43 -3.96 12.81
N VAL A 358 22.30 -3.44 11.95
CA VAL A 358 23.48 -4.22 11.61
C VAL A 358 24.71 -3.87 12.45
N LYS A 359 24.52 -3.07 13.50
CA LYS A 359 25.64 -2.65 14.35
C LYS A 359 25.45 -3.10 15.78
N GLY A 360 26.50 -2.96 16.58
CA GLY A 360 26.41 -3.21 18.02
C GLY A 360 25.57 -2.17 18.74
N PRO A 361 25.49 -2.28 20.08
CA PRO A 361 24.57 -1.49 20.92
C PRO A 361 24.84 0.01 20.92
N LEU A 362 23.82 0.80 21.23
CA LEU A 362 23.99 2.25 21.43
C LEU A 362 25.01 2.51 22.53
N ARG A 363 25.77 3.58 22.37
CA ARG A 363 26.72 3.99 23.40
C ARG A 363 26.18 5.23 24.13
N CYS A 364 25.60 5.01 25.30
CA CYS A 364 24.97 6.06 26.07
C CYS A 364 25.97 6.75 27.00
N CYS B 34 3.65 28.83 21.40
CA CYS B 34 2.44 28.03 21.18
C CYS B 34 2.04 27.18 22.40
N ASP B 35 0.79 27.32 22.78
CA ASP B 35 0.20 26.58 23.89
C ASP B 35 -1.05 25.90 23.36
N LEU B 36 -1.10 24.57 23.50
CA LEU B 36 -2.19 23.77 22.96
C LEU B 36 -3.53 24.31 23.43
N ALA B 37 -3.60 24.69 24.69
CA ALA B 37 -4.83 25.15 25.31
C ALA B 37 -5.33 26.45 24.69
N ALA B 38 -4.42 27.21 24.08
CA ALA B 38 -4.77 28.50 23.52
C ALA B 38 -5.13 28.46 22.02
N LEU B 39 -5.13 27.28 21.40
CA LEU B 39 -5.54 27.15 20.01
C LEU B 39 -7.00 27.55 19.82
N PRO B 40 -7.36 28.03 18.62
CA PRO B 40 -8.76 28.34 18.33
C PRO B 40 -9.62 27.09 18.48
N ALA B 41 -10.84 27.24 18.99
CA ALA B 41 -11.68 26.08 19.28
C ALA B 41 -11.90 25.20 18.04
N ARG B 42 -12.09 25.83 16.89
CA ARG B 42 -12.37 25.03 15.69
C ARG B 42 -11.17 24.17 15.33
N ASP B 43 -9.97 24.70 15.51
CA ASP B 43 -8.77 23.91 15.19
C ASP B 43 -8.52 22.82 16.22
N LYS B 44 -8.91 23.06 17.46
CA LYS B 44 -8.84 22.01 18.47
C LYS B 44 -9.75 20.86 18.06
N LEU B 45 -10.95 21.21 17.63
CA LEU B 45 -11.94 20.20 17.23
C LEU B 45 -11.43 19.41 16.03
N ALA B 46 -10.83 20.10 15.07
CA ALA B 46 -10.32 19.45 13.87
C ALA B 46 -9.22 18.43 14.20
N GLN B 47 -8.48 18.66 15.28
CA GLN B 47 -7.44 17.73 15.70
C GLN B 47 -8.00 16.39 16.18
N LEU B 48 -9.31 16.35 16.40
CA LEU B 48 -9.93 15.12 16.91
C LEU B 48 -10.56 14.32 15.77
N LEU B 49 -10.29 14.72 14.53
CA LEU B 49 -10.90 14.06 13.37
C LEU B 49 -9.84 13.37 12.53
N THR B 50 -10.16 12.18 12.03
CA THR B 50 -9.31 11.46 11.08
C THR B 50 -10.20 11.12 9.91
N VAL B 51 -9.83 11.55 8.71
CA VAL B 51 -10.70 11.39 7.55
C VAL B 51 -10.00 10.71 6.38
N GLY B 52 -10.71 9.79 5.74
CA GLY B 52 -10.19 9.12 4.57
C GLY B 52 -10.01 10.12 3.45
N VAL B 53 -8.95 9.95 2.65
CA VAL B 53 -8.68 10.81 1.49
C VAL B 53 -8.56 10.02 0.20
N THR B 54 -8.95 10.64 -0.91
CA THR B 54 -8.97 9.95 -2.21
C THR B 54 -7.65 10.09 -2.95
N ASP B 55 -6.97 11.22 -2.74
CA ASP B 55 -5.74 11.54 -3.45
C ASP B 55 -5.04 12.74 -2.83
N ALA B 56 -3.91 13.14 -3.41
CA ALA B 56 -3.12 14.25 -2.86
C ALA B 56 -3.91 15.54 -2.78
N ALA B 57 -4.65 15.87 -3.84
CA ALA B 57 -5.44 17.09 -3.87
C ALA B 57 -6.47 17.13 -2.74
N ASP B 58 -7.12 15.99 -2.52
CA ASP B 58 -8.13 15.89 -1.46
C ASP B 58 -7.50 16.06 -0.08
N ALA B 59 -6.34 15.43 0.11
CA ALA B 59 -5.64 15.49 1.39
C ALA B 59 -5.09 16.89 1.63
N ARG B 60 -4.51 17.47 0.59
CA ARG B 60 -3.93 18.81 0.67
C ARG B 60 -5.00 19.81 1.10
N ALA B 61 -6.16 19.76 0.46
CA ALA B 61 -7.25 20.68 0.76
C ALA B 61 -7.78 20.55 2.18
N VAL B 62 -7.99 19.32 2.64
CA VAL B 62 -8.60 19.12 3.95
C VAL B 62 -7.63 19.53 5.07
N VAL B 63 -6.33 19.34 4.83
CA VAL B 63 -5.32 19.74 5.80
C VAL B 63 -5.15 21.27 5.80
N ALA B 64 -4.95 21.84 4.62
CA ALA B 64 -4.77 23.29 4.49
C ALA B 64 -6.02 24.10 4.90
N ASP B 65 -7.20 23.63 4.54
CA ASP B 65 -8.41 24.43 4.78
C ASP B 65 -9.00 24.20 6.16
N HIS B 66 -8.93 22.97 6.65
CA HIS B 66 -9.65 22.61 7.86
C HIS B 66 -8.78 22.18 9.02
N HIS B 67 -7.50 21.92 8.75
CA HIS B 67 -6.53 21.63 9.81
C HIS B 67 -6.84 20.34 10.59
N VAL B 68 -7.40 19.36 9.90
CA VAL B 68 -7.67 18.08 10.52
C VAL B 68 -6.38 17.44 11.00
N GLY B 69 -6.46 16.69 12.09
CA GLY B 69 -5.26 16.10 12.67
C GLY B 69 -4.80 14.82 12.00
N GLY B 70 -5.68 14.19 11.24
CA GLY B 70 -5.36 12.88 10.68
C GLY B 70 -6.02 12.63 9.34
N ILE B 71 -5.31 11.99 8.43
CA ILE B 71 -5.91 11.50 7.20
C ILE B 71 -5.72 10.00 7.11
N ILE B 73 -5.47 6.48 4.65
CA ILE B 73 -5.28 5.84 3.37
C ILE B 73 -6.12 4.57 3.40
N GLY B 74 -6.96 4.36 2.39
CA GLY B 74 -7.81 3.17 2.34
C GLY B 74 -8.03 2.64 0.95
N SER B 75 -8.97 1.72 0.80
CA SER B 75 -9.27 1.14 -0.51
C SER B 75 -9.75 2.22 -1.47
N TRP B 76 -10.26 3.32 -0.93
CA TRP B 76 -10.74 4.42 -1.78
C TRP B 76 -9.60 5.34 -2.26
N THR B 77 -8.37 5.06 -1.83
CA THR B 77 -7.26 5.99 -2.02
C THR B 77 -6.34 5.66 -3.21
N ASP B 78 -6.00 6.68 -4.00
CA ASP B 78 -4.94 6.61 -5.01
C ASP B 78 -3.56 6.65 -4.34
N LEU B 79 -2.81 5.56 -4.44
CA LEU B 79 -1.57 5.40 -3.68
C LEU B 79 -0.37 6.21 -4.20
N SER B 80 -0.56 6.89 -5.33
CA SER B 80 0.48 7.71 -5.94
C SER B 80 1.07 8.73 -4.95
N LEU B 82 1.87 8.53 -2.05
CA LEU B 82 2.81 7.98 -1.08
C LEU B 82 4.23 7.89 -1.61
N THR B 83 4.37 8.01 -2.93
CA THR B 83 5.65 7.82 -3.58
C THR B 83 6.11 9.03 -4.40
N ASP B 84 5.23 10.00 -4.62
CA ASP B 84 5.60 11.15 -5.46
C ASP B 84 6.01 12.37 -4.65
N GLY B 85 6.00 12.24 -3.34
CA GLY B 85 6.47 13.31 -2.47
C GLY B 85 5.37 14.22 -1.99
N SER B 86 4.17 14.07 -2.54
CA SER B 86 3.10 15.00 -2.19
C SER B 86 2.69 14.84 -0.72
N LEU B 87 2.71 13.61 -0.20
CA LEU B 87 2.36 13.41 1.20
C LEU B 87 3.32 14.13 2.14
N GLY B 88 4.61 14.07 1.84
CA GLY B 88 5.58 14.71 2.72
C GLY B 88 5.43 16.22 2.71
N ASP B 89 5.07 16.76 1.55
CA ASP B 89 4.87 18.20 1.40
C ASP B 89 3.65 18.60 2.22
N ILE B 90 2.60 17.79 2.12
CA ILE B 90 1.37 18.09 2.85
C ILE B 90 1.61 17.99 4.35
N ALA B 91 2.36 16.99 4.78
CA ALA B 91 2.61 16.80 6.22
C ALA B 91 3.45 17.93 6.81
N ALA B 92 4.38 18.45 6.01
CA ALA B 92 5.22 19.56 6.43
C ALA B 92 4.39 20.84 6.63
N SER B 93 3.33 20.97 5.84
CA SER B 93 2.48 22.16 5.91
C SER B 93 1.54 22.11 7.11
N ALA B 94 1.36 20.91 7.68
CA ALA B 94 0.42 20.73 8.78
C ALA B 94 0.77 21.60 9.99
N ALA B 95 -0.25 22.29 10.50
CA ALA B 95 -0.13 23.10 11.70
C ALA B 95 -1.51 23.13 12.34
N PRO B 96 -1.57 23.28 13.67
CA PRO B 96 -0.49 23.49 14.66
C PRO B 96 0.30 22.23 14.98
N LEU B 97 -0.29 21.05 14.77
CA LEU B 97 0.35 19.78 15.12
C LEU B 97 0.76 18.99 13.88
N PRO B 98 1.72 18.06 14.04
CA PRO B 98 2.08 17.15 12.94
C PRO B 98 0.87 16.37 12.47
N LEU B 99 0.83 16.01 11.20
CA LEU B 99 -0.28 15.22 10.65
C LEU B 99 -0.12 13.73 10.96
N ALA B 100 -1.21 13.09 11.40
CA ALA B 100 -1.23 11.63 11.53
C ALA B 100 -1.67 11.02 10.20
N VAL B 101 -0.95 10.00 9.74
CA VAL B 101 -1.29 9.32 8.51
C VAL B 101 -1.57 7.86 8.82
N SER B 102 -2.82 7.43 8.67
CA SER B 102 -3.22 6.09 9.08
C SER B 102 -3.58 5.17 7.92
N VAL B 103 -3.57 3.88 8.18
CA VAL B 103 -3.88 2.88 7.16
C VAL B 103 -4.39 1.59 7.83
N ASP B 104 -5.18 0.81 7.10
CA ASP B 104 -5.57 -0.54 7.53
C ASP B 104 -4.58 -1.53 6.93
N GLU B 105 -3.55 -1.88 7.69
CA GLU B 105 -2.51 -2.79 7.19
C GLU B 105 -2.35 -3.95 8.18
N GLU B 106 -3.24 -4.93 8.09
CA GLU B 106 -3.20 -6.09 8.99
C GLU B 106 -2.47 -7.26 8.34
N GLY B 107 -2.47 -7.29 7.02
CA GLY B 107 -2.05 -8.47 6.30
C GLY B 107 -3.27 -9.28 5.87
N GLY B 108 -3.06 -10.31 5.05
CA GLY B 108 -4.17 -11.13 4.57
C GLY B 108 -5.20 -10.34 3.77
N ARG B 109 -6.45 -10.37 4.23
CA ARG B 109 -7.55 -9.75 3.48
C ARG B 109 -7.60 -8.23 3.64
N VAL B 110 -6.92 -7.70 4.65
CA VAL B 110 -6.90 -6.26 4.88
C VAL B 110 -5.45 -5.75 4.80
N SER B 111 -5.00 -5.39 3.61
CA SER B 111 -3.60 -5.06 3.41
C SER B 111 -3.49 -3.95 2.37
N ARG B 112 -3.85 -2.73 2.76
CA ARG B 112 -3.99 -1.63 1.80
C ARG B 112 -2.69 -1.22 1.12
N LEU B 113 -1.55 -1.68 1.66
CA LEU B 113 -0.25 -1.29 1.10
C LEU B 113 0.50 -2.47 0.48
N ALA B 114 -0.17 -3.60 0.30
CA ALA B 114 0.47 -4.81 -0.24
C ALA B 114 1.28 -4.57 -1.51
N SER B 115 0.80 -3.68 -2.36
CA SER B 115 1.47 -3.40 -3.64
C SER B 115 2.81 -2.72 -3.44
N LEU B 116 3.00 -2.09 -2.28
CA LEU B 116 4.21 -1.32 -1.98
C LEU B 116 5.12 -2.00 -0.96
N ILE B 117 4.54 -2.77 -0.04
CA ILE B 117 5.35 -3.36 1.02
C ILE B 117 5.34 -4.88 1.02
N GLY B 118 4.64 -5.47 0.04
CA GLY B 118 4.58 -6.92 -0.09
C GLY B 118 3.38 -7.51 0.63
N SER B 119 3.07 -8.77 0.33
CA SER B 119 1.91 -9.40 0.92
C SER B 119 2.31 -10.15 2.18
N GLN B 120 1.39 -10.25 3.11
CA GLN B 120 1.63 -10.97 4.35
C GLN B 120 0.46 -11.92 4.55
N PRO B 121 0.71 -13.11 5.11
CA PRO B 121 -0.43 -13.99 5.43
C PRO B 121 -1.39 -13.34 6.42
N SER B 122 -2.62 -13.87 6.49
CA SER B 122 -3.59 -13.40 7.46
C SER B 122 -3.08 -13.66 8.87
N ALA B 123 -3.63 -12.92 9.84
CA ALA B 123 -3.32 -13.12 11.25
C ALA B 123 -3.52 -14.57 11.67
N ARG B 124 -4.60 -15.19 11.20
CA ARG B 124 -4.85 -16.58 11.57
C ARG B 124 -3.74 -17.48 11.04
N GLU B 125 -3.30 -17.22 9.81
CA GLU B 125 -2.28 -18.05 9.20
C GLU B 125 -0.92 -17.86 9.86
N LEU B 126 -0.64 -16.66 10.34
CA LEU B 126 0.60 -16.37 11.06
C LEU B 126 0.66 -17.13 12.38
N ALA B 127 -0.44 -17.13 13.11
CA ALA B 127 -0.52 -17.89 14.36
C ALA B 127 -0.40 -19.40 14.13
N ARG B 128 -0.83 -19.87 12.96
CA ARG B 128 -0.74 -21.29 12.61
C ARG B 128 0.67 -21.72 12.21
N THR B 129 1.42 -20.82 11.58
CA THR B 129 2.66 -21.17 10.90
C THR B 129 3.93 -20.54 11.47
N LYS B 130 3.81 -19.53 12.31
CA LYS B 130 4.97 -18.79 12.80
C LYS B 130 5.01 -18.76 14.32
N THR B 131 6.20 -18.60 14.89
CA THR B 131 6.32 -18.29 16.31
C THR B 131 5.97 -16.81 16.55
N ALA B 132 5.68 -16.47 17.80
CA ALA B 132 5.38 -15.09 18.13
C ALA B 132 6.60 -14.22 17.83
N ASP B 133 7.79 -14.75 18.07
CA ASP B 133 9.00 -13.98 17.76
C ASP B 133 9.14 -13.71 16.26
N GLU B 134 8.73 -14.67 15.43
CA GLU B 134 8.76 -14.44 13.98
C GLU B 134 7.74 -13.37 13.56
N VAL B 135 6.57 -13.41 14.18
CA VAL B 135 5.55 -12.39 13.93
C VAL B 135 6.00 -10.98 14.33
N TYR B 136 6.68 -10.87 15.47
CA TYR B 136 7.30 -9.61 15.89
C TYR B 136 8.19 -9.10 14.76
N GLY B 137 9.03 -9.98 14.22
CA GLY B 137 9.99 -9.58 13.20
C GLY B 137 9.30 -9.14 11.92
N ILE B 138 8.24 -9.86 11.55
CA ILE B 138 7.44 -9.50 10.38
C ILE B 138 6.81 -8.12 10.55
N ALA B 139 6.22 -7.89 11.72
CA ALA B 139 5.55 -6.61 11.97
C ALA B 139 6.57 -5.46 12.01
N LEU B 140 7.75 -5.73 12.57
CA LEU B 140 8.81 -4.71 12.61
C LEU B 140 9.24 -4.33 11.18
N ASP B 141 9.46 -5.35 10.34
CA ASP B 141 9.88 -5.11 8.96
C ASP B 141 8.83 -4.34 8.19
N ARG B 142 7.57 -4.75 8.30
CA ARG B 142 6.50 -4.06 7.59
C ARG B 142 6.25 -2.65 8.16
N GLY B 143 6.35 -2.50 9.48
CA GLY B 143 6.25 -1.18 10.08
C GLY B 143 7.31 -0.21 9.56
N ARG B 144 8.54 -0.67 9.39
CA ARG B 144 9.57 0.19 8.83
C ARG B 144 9.24 0.60 7.40
N LYS B 145 8.74 -0.36 6.61
CA LYS B 145 8.35 -0.03 5.23
C LYS B 145 7.20 0.99 5.21
N ARG B 147 6.70 3.35 7.63
CA ARG B 147 7.30 4.64 7.96
C ARG B 147 7.98 5.30 6.76
N ASP B 148 8.66 4.51 5.94
CA ASP B 148 9.31 5.04 4.75
C ASP B 148 8.31 5.71 3.81
N LEU B 149 7.07 5.24 3.84
CA LEU B 149 6.00 5.81 3.01
C LEU B 149 5.29 6.99 3.68
N GLY B 150 5.66 7.31 4.92
CA GLY B 150 5.05 8.44 5.63
C GLY B 150 3.90 8.05 6.54
N VAL B 151 3.66 6.75 6.69
CA VAL B 151 2.57 6.29 7.55
C VAL B 151 2.97 6.43 9.01
N THR B 152 2.05 6.90 9.86
CA THR B 152 2.31 7.07 11.31
C THR B 152 1.48 6.17 12.22
N VAL B 153 0.36 5.67 11.70
CA VAL B 153 -0.59 4.89 12.49
C VAL B 153 -1.06 3.71 11.64
N ASP B 154 -1.08 2.52 12.22
CA ASP B 154 -1.66 1.36 11.54
C ASP B 154 -2.82 0.85 12.38
N PHE B 155 -3.99 0.74 11.78
CA PHE B 155 -5.13 0.20 12.52
C PHE B 155 -4.99 -1.32 12.60
N ALA B 156 -4.05 -1.75 13.44
CA ALA B 156 -3.73 -3.16 13.66
C ALA B 156 -2.91 -3.19 14.94
N PRO B 157 -2.93 -4.30 15.67
CA PRO B 157 -3.53 -5.58 15.33
C PRO B 157 -4.98 -5.76 15.75
N VAL B 158 -5.69 -6.61 15.01
CA VAL B 158 -6.96 -7.10 15.50
C VAL B 158 -6.69 -7.94 16.74
N VAL B 159 -7.38 -7.63 17.84
CA VAL B 159 -7.31 -8.48 19.02
C VAL B 159 -8.64 -9.19 19.29
N ASP B 160 -9.54 -9.09 18.32
CA ASP B 160 -10.77 -9.87 18.37
C ASP B 160 -10.46 -11.36 18.48
N VAL B 161 -11.28 -12.06 19.25
CA VAL B 161 -11.11 -13.49 19.50
C VAL B 161 -12.29 -14.18 18.83
N THR B 162 -12.05 -15.18 18.00
CA THR B 162 -13.16 -15.79 17.24
C THR B 162 -12.93 -17.23 16.79
N ASP B 163 -14.04 -17.94 16.54
CA ASP B 163 -14.00 -19.27 15.92
C ASP B 163 -14.60 -19.24 14.51
N ALA B 164 -14.95 -18.04 14.03
CA ALA B 164 -15.67 -17.89 12.77
C ALA B 164 -14.90 -18.36 11.54
N ALA B 165 -15.63 -18.73 10.49
CA ALA B 165 -15.02 -19.09 9.20
C ALA B 165 -14.07 -17.98 8.73
N ALA B 166 -13.02 -18.35 8.00
CA ALA B 166 -11.96 -17.40 7.64
C ALA B 166 -12.46 -16.15 6.88
N ASP B 167 -13.48 -16.33 6.06
CA ASP B 167 -13.91 -15.27 5.14
C ASP B 167 -15.03 -14.39 5.70
N THR B 168 -15.31 -14.48 7.00
CA THR B 168 -16.37 -13.68 7.61
C THR B 168 -15.77 -12.34 8.05
N VAL B 169 -16.57 -11.51 8.70
CA VAL B 169 -16.13 -10.13 8.96
C VAL B 169 -14.80 -10.04 9.71
N ILE B 170 -14.67 -10.80 10.79
CA ILE B 170 -13.39 -10.92 11.48
C ILE B 170 -12.66 -12.14 10.90
N GLY B 171 -13.12 -13.34 11.19
CA GLY B 171 -12.56 -14.53 10.53
C GLY B 171 -11.04 -14.63 10.66
N ASP B 172 -10.34 -14.84 9.54
CA ASP B 172 -8.89 -14.98 9.56
C ASP B 172 -8.14 -13.69 9.91
N ARG B 173 -8.86 -12.60 10.16
CA ARG B 173 -8.22 -11.38 10.65
C ARG B 173 -7.87 -11.50 12.14
N SER B 174 -8.41 -12.53 12.79
CA SER B 174 -8.15 -12.78 14.21
C SER B 174 -6.98 -13.74 14.38
N PHE B 175 -6.14 -13.50 15.38
CA PHE B 175 -5.02 -14.42 15.63
C PHE B 175 -5.43 -15.74 16.27
N GLY B 176 -6.66 -15.85 16.77
CA GLY B 176 -7.08 -17.13 17.35
C GLY B 176 -8.37 -17.12 18.13
N SER B 177 -8.81 -18.31 18.54
CA SER B 177 -10.03 -18.46 19.33
C SER B 177 -9.71 -18.45 20.82
N ASP B 178 -8.44 -18.50 21.15
CA ASP B 178 -7.98 -18.53 22.53
C ASP B 178 -7.40 -17.15 22.87
N PRO B 179 -7.96 -16.49 23.90
CA PRO B 179 -7.45 -15.14 24.19
C PRO B 179 -5.99 -15.10 24.59
N ALA B 180 -5.45 -16.21 25.12
CA ALA B 180 -4.04 -16.26 25.46
C ALA B 180 -3.16 -16.26 24.21
N VAL B 181 -3.61 -16.97 23.18
CA VAL B 181 -2.88 -16.99 21.91
C VAL B 181 -2.98 -15.61 21.26
N VAL B 182 -4.16 -15.00 21.28
CA VAL B 182 -4.31 -13.64 20.76
C VAL B 182 -3.38 -12.67 21.48
N THR B 183 -3.36 -12.73 22.81
CA THR B 183 -2.49 -11.85 23.58
C THR B 183 -1.03 -12.01 23.13
N GLU B 184 -0.60 -13.24 22.96
CA GLU B 184 0.79 -13.49 22.56
C GLU B 184 1.09 -12.97 21.16
N TYR B 185 0.27 -13.35 20.18
CA TYR B 185 0.53 -13.00 18.78
C TYR B 185 0.18 -11.55 18.43
N ALA B 186 -1.00 -11.09 18.83
CA ALA B 186 -1.33 -9.68 18.59
C ALA B 186 -0.36 -8.80 19.37
N GLY B 187 0.02 -9.23 20.57
CA GLY B 187 0.98 -8.48 21.37
C GLY B 187 2.30 -8.34 20.63
N ALA B 188 2.74 -9.44 20.02
CA ALA B 188 3.97 -9.41 19.22
C ALA B 188 3.82 -8.49 18.02
N TYR B 189 2.68 -8.55 17.33
CA TYR B 189 2.48 -7.70 16.16
C TYR B 189 2.50 -6.23 16.56
N ALA B 190 1.80 -5.88 17.64
CA ALA B 190 1.80 -4.50 18.15
C ALA B 190 3.20 -4.03 18.53
N ARG B 191 3.97 -4.91 19.16
CA ARG B 191 5.31 -4.58 19.61
C ARG B 191 6.21 -4.30 18.40
N GLY B 192 6.07 -5.08 17.33
CA GLY B 192 6.85 -4.84 16.12
C GLY B 192 6.55 -3.49 15.48
N LEU B 193 5.26 -3.19 15.34
CA LEU B 193 4.84 -1.90 14.80
C LEU B 193 5.38 -0.76 15.65
N ARG B 194 5.24 -0.91 16.97
CA ARG B 194 5.70 0.11 17.94
C ARG B 194 7.21 0.35 17.84
N ASP B 195 7.98 -0.73 17.69
CA ASP B 195 9.43 -0.59 17.59
C ASP B 195 9.87 0.00 16.27
N ALA B 196 9.02 -0.06 15.26
CA ALA B 196 9.28 0.61 13.98
C ALA B 196 8.91 2.09 14.06
N GLY B 197 8.25 2.48 15.13
CA GLY B 197 7.82 3.86 15.32
C GLY B 197 6.40 4.15 14.85
N VAL B 198 5.68 3.09 14.47
CA VAL B 198 4.28 3.22 14.06
C VAL B 198 3.37 3.06 15.26
N LEU B 199 2.33 3.89 15.38
CA LEU B 199 1.37 3.67 16.47
C LEU B 199 0.44 2.50 16.14
N PRO B 200 0.45 1.45 16.97
CA PRO B 200 -0.51 0.37 16.72
C PRO B 200 -1.84 0.68 17.41
N VAL B 201 -2.92 0.12 16.88
CA VAL B 201 -4.26 0.36 17.40
C VAL B 201 -4.95 -0.98 17.59
N LEU B 202 -5.21 -1.35 18.83
CA LEU B 202 -5.87 -2.61 19.15
C LEU B 202 -7.36 -2.48 18.84
N LYS B 203 -7.93 -3.46 18.14
CA LYS B 203 -9.32 -3.34 17.71
C LYS B 203 -10.01 -4.73 17.69
N HIS B 204 -11.35 -4.79 17.84
CA HIS B 204 -12.29 -3.69 18.00
C HIS B 204 -12.98 -3.78 19.36
N PHE B 205 -12.64 -2.88 20.28
CA PHE B 205 -13.08 -2.96 21.68
C PHE B 205 -14.59 -2.71 21.77
N PRO B 206 -15.30 -3.43 22.66
CA PRO B 206 -14.81 -4.47 23.57
C PRO B 206 -14.87 -5.89 22.99
N GLY B 207 -14.95 -6.03 21.67
CA GLY B 207 -14.82 -7.35 21.06
C GLY B 207 -15.78 -7.64 19.93
N HIS B 208 -15.28 -7.72 18.71
CA HIS B 208 -16.13 -8.01 17.55
C HIS B 208 -16.11 -9.49 17.19
N GLY B 209 -15.22 -10.24 17.82
CA GLY B 209 -14.99 -11.62 17.43
C GLY B 209 -16.20 -12.54 17.55
N HIS B 210 -17.04 -12.28 18.53
CA HIS B 210 -18.21 -13.15 18.72
C HIS B 210 -19.51 -12.42 18.43
N ALA B 211 -19.44 -11.32 17.69
CA ALA B 211 -20.63 -10.54 17.33
C ALA B 211 -21.58 -11.31 16.39
N SER B 212 -22.85 -10.88 16.33
CA SER B 212 -23.86 -11.61 15.60
C SER B 212 -23.84 -11.43 14.09
N GLY B 213 -22.97 -10.55 13.59
CA GLY B 213 -22.92 -10.28 12.15
C GLY B 213 -21.82 -9.32 11.73
N ASP B 214 -22.00 -8.71 10.55
CA ASP B 214 -21.04 -7.76 10.00
C ASP B 214 -21.52 -6.31 10.23
N SER B 215 -20.79 -5.55 11.02
CA SER B 215 -21.20 -4.17 11.33
C SER B 215 -21.06 -3.21 10.15
N HIS B 216 -20.40 -3.66 9.08
CA HIS B 216 -20.42 -2.89 7.82
C HIS B 216 -21.80 -2.79 7.25
N THR B 217 -22.62 -3.81 7.46
CA THR B 217 -23.89 -3.89 6.73
C THR B 217 -25.12 -3.57 7.58
N GLY B 218 -24.96 -3.55 8.90
CA GLY B 218 -26.10 -3.29 9.77
C GLY B 218 -25.69 -3.45 11.22
N GLY B 219 -26.66 -3.37 12.14
CA GLY B 219 -26.36 -3.52 13.56
C GLY B 219 -26.01 -4.96 13.94
N VAL B 220 -25.17 -5.11 14.96
CA VAL B 220 -24.71 -6.42 15.45
C VAL B 220 -24.62 -6.38 16.97
N THR B 221 -24.66 -7.57 17.59
CA THR B 221 -24.70 -7.69 19.05
C THR B 221 -23.66 -8.70 19.52
N THR B 222 -23.00 -8.40 20.63
CA THR B 222 -22.00 -9.30 21.21
C THR B 222 -22.64 -10.17 22.29
N PRO B 223 -21.88 -11.14 22.83
CA PRO B 223 -22.33 -11.79 24.08
C PRO B 223 -22.39 -10.77 25.21
N PRO B 224 -23.10 -11.10 26.31
CA PRO B 224 -23.23 -10.12 27.40
C PRO B 224 -21.88 -9.74 28.01
N LEU B 225 -21.88 -8.66 28.79
CA LEU B 225 -20.64 -8.06 29.30
C LEU B 225 -19.79 -9.03 30.11
N ASP B 226 -20.41 -9.81 30.98
CA ASP B 226 -19.64 -10.71 31.82
C ASP B 226 -18.94 -11.80 30.99
N VAL B 227 -19.56 -12.21 29.89
CA VAL B 227 -18.92 -13.14 28.97
C VAL B 227 -17.73 -12.48 28.28
N LEU B 228 -17.90 -11.25 27.79
CA LEU B 228 -16.80 -10.52 27.18
C LEU B 228 -15.64 -10.37 28.16
N GLY B 230 -14.50 -12.26 30.54
CA GLY B 230 -13.69 -13.45 30.73
C GLY B 230 -13.06 -14.02 29.48
N ASP B 231 -13.26 -13.36 28.34
CA ASP B 231 -12.79 -13.88 27.05
C ASP B 231 -12.30 -12.76 26.12
N ASP B 232 -13.21 -12.09 25.43
CA ASP B 232 -12.87 -11.07 24.44
C ASP B 232 -12.03 -9.91 25.00
N LEU B 233 -12.24 -9.57 26.26
CA LEU B 233 -11.57 -8.41 26.83
C LEU B 233 -10.20 -8.75 27.41
N VAL B 234 -9.92 -10.05 27.56
CA VAL B 234 -8.65 -10.48 28.15
C VAL B 234 -7.38 -9.90 27.50
N PRO B 235 -7.31 -9.86 26.14
CA PRO B 235 -6.06 -9.31 25.57
C PRO B 235 -5.79 -7.85 25.95
N TYR B 236 -6.84 -7.03 26.08
CA TYR B 236 -6.66 -5.62 26.44
C TYR B 236 -6.00 -5.44 27.80
N ARG B 237 -6.21 -6.41 28.69
CA ARG B 237 -5.68 -6.31 30.05
C ARG B 237 -4.17 -6.08 30.09
N THR B 238 -3.45 -6.79 29.22
CA THR B 238 -2.00 -6.59 29.15
C THR B 238 -1.61 -5.66 28.00
N LEU B 239 -2.32 -5.74 26.88
CA LEU B 239 -1.83 -5.01 25.70
C LEU B 239 -2.00 -3.47 25.78
N THR B 240 -3.01 -3.01 26.52
CA THR B 240 -3.22 -1.55 26.63
C THR B 240 -2.16 -0.90 27.51
N GLY B 241 -1.45 -1.71 28.28
CA GLY B 241 -0.43 -1.20 29.17
C GLY B 241 0.95 -1.13 28.51
N GLN B 242 1.04 -1.53 27.24
CA GLN B 242 2.30 -1.49 26.53
C GLN B 242 2.30 -0.31 25.56
N ALA B 243 2.86 0.82 26.01
CA ALA B 243 2.79 2.10 25.31
C ALA B 243 4.02 2.34 24.40
N PRO B 244 3.85 3.14 23.33
CA PRO B 244 2.57 3.74 22.90
C PRO B 244 1.63 2.75 22.23
N VAL B 245 0.35 2.96 22.47
CA VAL B 245 -0.67 2.10 21.91
C VAL B 245 -1.97 2.90 21.90
N ALA B 246 -2.83 2.63 20.92
CA ALA B 246 -4.16 3.21 20.93
C ALA B 246 -5.18 2.09 20.91
N VAL B 247 -6.44 2.43 21.10
CA VAL B 247 -7.55 1.45 21.07
C VAL B 247 -8.60 1.96 20.09
N VAL B 249 -12.64 1.53 19.15
CA VAL B 249 -13.90 0.99 19.64
C VAL B 249 -14.84 0.69 18.47
N GLY B 250 -15.41 -0.51 18.45
CA GLY B 250 -16.27 -0.93 17.35
C GLY B 250 -17.72 -0.51 17.54
N HIS B 251 -18.57 -0.90 16.59
CA HIS B 251 -19.97 -0.46 16.59
C HIS B 251 -20.95 -1.48 17.14
N GLN B 253 -23.37 -3.66 19.54
CA GLN B 253 -24.18 -3.46 20.74
C GLN B 253 -23.82 -4.52 21.76
N VAL B 254 -23.70 -4.11 23.03
CA VAL B 254 -23.25 -5.02 24.07
C VAL B 254 -24.27 -5.11 25.19
N PRO B 255 -24.93 -6.27 25.33
CA PRO B 255 -25.92 -6.43 26.40
C PRO B 255 -25.21 -6.33 27.74
N GLY B 256 -25.81 -5.62 28.70
CA GLY B 256 -25.17 -5.39 29.99
C GLY B 256 -24.32 -4.14 30.06
N LEU B 257 -24.03 -3.55 28.89
CA LEU B 257 -23.12 -2.40 28.78
C LEU B 257 -23.72 -1.22 28.00
N THR B 258 -24.10 -1.46 26.75
CA THR B 258 -24.51 -0.35 25.87
C THR B 258 -25.96 -0.44 25.42
N GLY B 259 -26.63 -1.55 25.74
CA GLY B 259 -28.00 -1.73 25.31
C GLY B 259 -28.04 -1.75 23.79
N SER B 260 -28.88 -0.89 23.21
CA SER B 260 -29.01 -0.80 21.76
C SER B 260 -28.08 0.25 21.15
N ASP B 261 -27.27 0.90 21.97
CA ASP B 261 -26.29 1.86 21.46
C ASP B 261 -25.10 1.12 20.87
N PRO B 262 -24.61 1.57 19.71
CA PRO B 262 -23.33 1.04 19.21
C PRO B 262 -22.26 1.38 20.23
N ALA B 263 -21.35 0.46 20.50
CA ALA B 263 -20.34 0.68 21.54
C ALA B 263 -19.57 2.00 21.34
N SER B 264 -19.28 2.35 20.09
CA SER B 264 -18.51 3.54 19.79
C SER B 264 -19.24 4.83 20.21
N LEU B 265 -20.55 4.75 20.40
CA LEU B 265 -21.38 5.93 20.71
C LEU B 265 -21.95 5.87 22.12
N SER B 266 -21.50 4.92 22.93
CA SER B 266 -22.03 4.75 24.28
C SER B 266 -20.99 5.20 25.30
N PRO B 267 -21.37 6.12 26.20
CA PRO B 267 -20.40 6.48 27.24
C PRO B 267 -20.00 5.31 28.15
N ALA B 268 -20.87 4.30 28.31
CA ALA B 268 -20.49 3.15 29.14
C ALA B 268 -19.25 2.44 28.62
N VAL B 269 -19.09 2.41 27.29
CA VAL B 269 -17.91 1.76 26.71
C VAL B 269 -16.64 2.45 27.12
N TYR B 270 -16.62 3.78 26.98
CA TYR B 270 -15.44 4.54 27.34
C TYR B 270 -15.21 4.58 28.84
N ASN B 271 -16.28 4.66 29.63
CA ASN B 271 -16.13 4.55 31.09
C ASN B 271 -15.50 3.22 31.47
N LEU B 272 -15.92 2.15 30.79
CA LEU B 272 -15.38 0.82 31.09
C LEU B 272 -13.87 0.76 30.82
N LEU B 273 -13.44 1.37 29.73
CA LEU B 273 -12.03 1.37 29.31
C LEU B 273 -11.17 2.26 30.20
N ARG B 274 -11.63 3.48 30.44
CA ARG B 274 -10.88 4.42 31.28
C ARG B 274 -10.78 4.00 32.74
N SER B 275 -11.81 3.36 33.26
CA SER B 275 -11.84 3.05 34.69
C SER B 275 -11.18 1.73 35.05
N GLY B 276 -10.89 0.91 34.04
CA GLY B 276 -10.40 -0.43 34.31
C GLY B 276 -11.50 -1.43 34.65
N GLY B 277 -12.76 -1.00 34.48
CA GLY B 277 -13.89 -1.89 34.67
C GLY B 277 -13.90 -3.09 33.73
N TYR B 278 -13.19 -2.96 32.62
CA TYR B 278 -13.10 -4.04 31.63
C TYR B 278 -12.29 -5.21 32.16
N GLY B 279 -11.55 -5.00 33.24
CA GLY B 279 -10.87 -6.11 33.89
C GLY B 279 -9.37 -5.99 33.91
N GLY B 280 -8.85 -4.85 33.45
CA GLY B 280 -7.43 -4.55 33.51
C GLY B 280 -7.22 -3.11 33.92
N PRO B 281 -5.97 -2.62 33.87
CA PRO B 281 -5.68 -1.25 34.27
C PRO B 281 -6.41 -0.23 33.39
N GLY B 282 -6.94 0.82 34.01
CA GLY B 282 -7.63 1.87 33.27
C GLY B 282 -6.71 2.46 32.21
N PHE B 283 -7.25 2.72 31.02
CA PHE B 283 -6.42 3.13 29.89
C PHE B 283 -6.54 4.64 29.70
N GLY B 284 -5.41 5.33 29.64
CA GLY B 284 -5.41 6.77 29.49
C GLY B 284 -4.96 7.27 28.13
N GLY B 285 -4.71 6.36 27.20
CA GLY B 285 -4.19 6.71 25.90
C GLY B 285 -5.26 6.99 24.87
N LEU B 286 -4.85 7.03 23.61
CA LEU B 286 -5.70 7.47 22.52
C LEU B 286 -6.77 6.43 22.14
N VAL B 287 -8.01 6.88 22.01
CA VAL B 287 -9.10 5.98 21.63
C VAL B 287 -9.79 6.45 20.33
N TYR B 288 -9.73 5.62 19.29
CA TYR B 288 -10.38 5.90 18.01
C TYR B 288 -11.76 5.26 17.95
N THR B 289 -12.64 5.79 17.10
CA THR B 289 -13.82 5.04 16.69
C THR B 289 -13.51 4.28 15.41
N ASP B 290 -14.26 3.20 15.16
CA ASP B 290 -14.28 2.59 13.83
C ASP B 290 -15.02 3.58 12.90
N ASP B 291 -15.00 3.32 11.61
CA ASP B 291 -15.53 4.20 10.56
C ASP B 291 -17.00 4.60 10.79
N LEU B 292 -17.25 5.90 10.92
CA LEU B 292 -18.58 6.41 11.25
C LEU B 292 -19.45 6.79 10.05
N SER B 293 -18.91 6.66 8.84
CA SER B 293 -19.68 7.09 7.67
C SER B 293 -20.14 5.94 6.74
N SER B 294 -19.31 4.92 6.56
CA SER B 294 -19.65 3.89 5.58
C SER B 294 -20.22 2.61 6.18
N GLY B 296 -22.91 0.36 8.10
CA GLY B 296 -24.35 0.38 8.31
C GLY B 296 -24.74 0.45 9.78
N ALA B 297 -23.92 -0.13 10.65
CA ALA B 297 -24.23 -0.12 12.08
C ALA B 297 -24.44 1.31 12.62
N ILE B 298 -23.79 2.27 11.96
CA ILE B 298 -23.89 3.68 12.30
C ILE B 298 -24.78 4.45 11.32
N ASN B 299 -24.46 4.36 10.03
CA ASN B 299 -25.09 5.23 9.03
C ASN B 299 -26.58 4.96 8.75
N GLN B 300 -27.09 3.81 9.19
CA GLN B 300 -28.53 3.54 9.09
C GLN B 300 -29.28 4.25 10.21
N ARG B 301 -28.53 4.80 11.18
CA ARG B 301 -29.14 5.46 12.34
C ARG B 301 -28.78 6.94 12.49
N TYR B 302 -27.53 7.30 12.20
CA TYR B 302 -27.03 8.65 12.41
C TYR B 302 -26.25 9.17 11.22
N GLY B 303 -26.44 10.44 10.87
CA GLY B 303 -25.57 11.08 9.88
C GLY B 303 -24.16 11.26 10.43
N VAL B 304 -23.23 11.72 9.60
CA VAL B 304 -21.84 11.83 10.05
C VAL B 304 -21.64 12.82 11.21
N ALA B 305 -22.21 14.02 11.08
CA ALA B 305 -21.97 15.02 12.12
C ALA B 305 -22.56 14.55 13.45
N ASP B 306 -23.74 13.94 13.36
CA ASP B 306 -24.46 13.42 14.53
C ASP B 306 -23.62 12.32 15.19
N ALA B 307 -23.12 11.38 14.38
CA ALA B 307 -22.28 10.30 14.90
C ALA B 307 -20.99 10.80 15.55
N VAL B 308 -20.32 11.75 14.91
CA VAL B 308 -19.06 12.28 15.45
C VAL B 308 -19.28 12.92 16.81
N LEU B 309 -20.34 13.72 16.90
CA LEU B 309 -20.64 14.40 18.15
C LEU B 309 -20.92 13.34 19.22
N ARG B 310 -21.75 12.36 18.89
CA ARG B 310 -22.07 11.30 19.85
C ARG B 310 -20.83 10.56 20.33
N ALA B 311 -19.88 10.33 19.42
CA ALA B 311 -18.66 9.61 19.77
C ALA B 311 -17.76 10.43 20.70
N LEU B 312 -17.57 11.70 20.38
CA LEU B 312 -16.79 12.56 21.26
C LEU B 312 -17.49 12.80 22.61
N GLN B 313 -18.82 12.90 22.62
CA GLN B 313 -19.58 13.01 23.88
C GLN B 313 -19.39 11.79 24.75
N ALA B 314 -19.42 10.63 24.10
CA ALA B 314 -19.35 9.37 24.82
C ALA B 314 -17.95 9.16 25.39
N GLY B 315 -16.94 9.65 24.68
CA GLY B 315 -15.59 9.57 25.20
C GLY B 315 -14.47 9.20 24.24
N ALA B 316 -14.78 9.08 22.94
CA ALA B 316 -13.70 8.83 21.97
C ALA B 316 -12.79 10.06 21.93
N ASP B 317 -11.50 9.86 21.64
CA ASP B 317 -10.58 10.97 21.43
C ASP B 317 -10.45 11.33 19.96
N ASN B 318 -10.83 10.41 19.09
CA ASN B 318 -10.62 10.62 17.66
C ASN B 318 -11.72 9.97 16.84
N ALA B 319 -12.47 10.80 16.14
CA ALA B 319 -13.64 10.35 15.37
C ALA B 319 -13.17 10.09 13.95
N LEU B 320 -13.39 8.87 13.48
CA LEU B 320 -12.84 8.45 12.19
C LEU B 320 -13.96 8.18 11.20
N TRP B 321 -13.83 8.69 9.98
CA TRP B 321 -14.68 8.26 8.89
C TRP B 321 -13.93 8.42 7.57
N ILE B 322 -14.49 7.93 6.47
CA ILE B 322 -13.65 7.68 5.30
C ILE B 322 -13.72 8.69 4.16
N THR B 323 -14.31 9.85 4.41
CA THR B 323 -14.36 10.90 3.39
C THR B 323 -14.12 12.28 3.98
N THR B 324 -13.71 13.23 3.14
CA THR B 324 -13.40 14.57 3.64
C THR B 324 -14.58 15.52 3.53
N ALA B 325 -15.53 15.21 2.67
CA ALA B 325 -16.60 16.14 2.32
C ALA B 325 -17.34 16.70 3.52
N GLU B 326 -17.53 15.87 4.54
CA GLU B 326 -18.35 16.22 5.70
C GLU B 326 -17.65 17.10 6.74
N VAL B 327 -16.35 17.36 6.55
CA VAL B 327 -15.56 18.05 7.57
C VAL B 327 -16.09 19.44 8.02
N PRO B 328 -16.42 20.33 7.07
CA PRO B 328 -16.93 21.64 7.50
C PRO B 328 -18.22 21.52 8.30
N ALA B 329 -19.13 20.69 7.83
CA ALA B 329 -20.41 20.47 8.51
C ALA B 329 -20.22 19.84 9.90
N VAL B 330 -19.30 18.88 10.00
CA VAL B 330 -18.96 18.28 11.29
C VAL B 330 -18.39 19.33 12.25
N LEU B 331 -17.45 20.14 11.75
CA LEU B 331 -16.83 21.19 12.57
C LEU B 331 -17.86 22.24 13.03
N ASP B 332 -18.78 22.63 12.14
CA ASP B 332 -19.90 23.50 12.52
C ASP B 332 -20.73 22.91 13.66
N ARG B 333 -21.11 21.64 13.51
CA ARG B 333 -21.92 20.96 14.52
C ARG B 333 -21.19 20.86 15.86
N LEU B 334 -19.88 20.62 15.83
CA LEU B 334 -19.09 20.52 17.05
C LEU B 334 -18.92 21.87 17.73
N GLU B 335 -18.70 22.92 16.96
CA GLU B 335 -18.68 24.27 17.53
C GLU B 335 -20.02 24.64 18.18
N GLN B 336 -21.11 24.25 17.54
CA GLN B 336 -22.45 24.49 18.12
C GLN B 336 -22.61 23.73 19.44
N ALA B 337 -22.08 22.50 19.47
CA ALA B 337 -22.11 21.67 20.67
C ALA B 337 -21.27 22.24 21.81
N LEU B 338 -20.14 22.87 21.49
CA LEU B 338 -19.38 23.58 22.52
C LEU B 338 -20.18 24.72 23.10
N ALA B 339 -20.90 25.44 22.23
CA ALA B 339 -21.63 26.61 22.68
C ALA B 339 -22.86 26.22 23.51
N SER B 340 -23.50 25.12 23.15
CA SER B 340 -24.74 24.70 23.83
C SER B 340 -24.44 23.89 25.09
N GLY B 341 -23.20 23.43 25.23
CA GLY B 341 -22.83 22.59 26.35
C GLY B 341 -23.04 21.11 26.09
N GLU B 342 -23.38 20.75 24.85
CA GLU B 342 -23.52 19.33 24.50
C GLU B 342 -22.18 18.60 24.51
N LEU B 343 -21.11 19.37 24.32
CA LEU B 343 -19.74 18.84 24.39
C LEU B 343 -18.94 19.69 25.38
N ASN B 344 -18.34 19.05 26.38
CA ASN B 344 -17.55 19.74 27.40
C ASN B 344 -16.28 20.32 26.80
N GLN B 345 -15.93 21.55 27.16
CA GLN B 345 -14.62 22.08 26.74
C GLN B 345 -13.51 21.18 27.26
N GLY B 346 -13.68 20.63 28.46
CA GLY B 346 -12.66 19.74 29.02
C GLY B 346 -12.46 18.48 28.21
N ALA B 347 -13.52 17.99 27.59
CA ALA B 347 -13.44 16.77 26.79
C ALA B 347 -12.63 17.02 25.54
N VAL B 348 -12.79 18.21 24.98
CA VAL B 348 -11.99 18.58 23.81
C VAL B 348 -10.51 18.70 24.20
N ASP B 349 -10.22 19.44 25.26
CA ASP B 349 -8.84 19.61 25.72
C ASP B 349 -8.15 18.29 26.03
N ALA B 350 -8.83 17.42 26.77
CA ALA B 350 -8.27 16.11 27.13
C ALA B 350 -7.93 15.28 25.90
N SER B 351 -8.86 15.23 24.97
CA SER B 351 -8.66 14.44 23.76
C SER B 351 -7.60 15.05 22.86
N LEU B 352 -7.52 16.37 22.86
CA LEU B 352 -6.49 17.04 22.10
C LEU B 352 -5.12 16.70 22.66
N GLN B 353 -5.01 16.67 23.99
CA GLN B 353 -3.73 16.32 24.61
C GLN B 353 -3.34 14.88 24.29
N ARG B 354 -4.30 13.97 24.28
CA ARG B 354 -3.99 12.58 24.00
C ARG B 354 -3.56 12.43 22.56
N ASN B 355 -4.21 13.17 21.67
CA ASN B 355 -3.79 13.17 20.28
C ASN B 355 -2.40 13.73 20.08
N ALA B 356 -2.04 14.77 20.84
CA ALA B 356 -0.72 15.37 20.70
C ALA B 356 0.38 14.53 21.34
N ALA B 357 0.02 13.74 22.35
CA ALA B 357 0.99 12.90 23.05
C ALA B 357 1.65 11.85 22.17
N VAL B 358 0.97 11.44 21.11
CA VAL B 358 1.54 10.46 20.19
C VAL B 358 2.13 11.10 18.95
N LYS B 359 2.24 12.42 18.96
CA LYS B 359 2.81 13.16 17.82
C LYS B 359 4.07 13.96 18.18
N GLY B 360 4.71 14.56 17.19
CA GLY B 360 5.83 15.46 17.42
C GLY B 360 5.40 16.84 17.91
N PRO B 361 6.36 17.77 18.02
CA PRO B 361 6.18 19.10 18.63
C PRO B 361 5.10 20.00 18.02
N LEU B 362 4.44 20.78 18.86
CA LEU B 362 3.52 21.82 18.40
C LEU B 362 4.27 22.86 17.55
N ARG B 363 3.59 23.44 16.57
CA ARG B 363 4.25 24.33 15.62
C ARG B 363 3.71 25.76 15.69
N CYS C 34 4.97 -15.54 -2.00
CA CYS C 34 3.80 -15.10 -2.75
C CYS C 34 3.55 -13.61 -2.54
N ASP C 35 3.50 -12.86 -3.64
CA ASP C 35 3.26 -11.42 -3.60
C ASP C 35 2.44 -10.95 -4.79
N LEU C 36 1.48 -10.07 -4.51
CA LEU C 36 0.73 -9.41 -5.57
C LEU C 36 1.69 -8.49 -6.32
N ALA C 37 2.63 -7.91 -5.57
CA ALA C 37 3.61 -6.98 -6.12
C ALA C 37 4.57 -7.62 -7.13
N ALA C 38 4.74 -8.93 -7.03
CA ALA C 38 5.69 -9.66 -7.89
C ALA C 38 5.24 -9.81 -9.35
N LEU C 39 3.98 -9.51 -9.64
CA LEU C 39 3.49 -9.53 -11.01
C LEU C 39 4.35 -8.61 -11.87
N PRO C 40 4.76 -9.09 -13.06
CA PRO C 40 5.44 -8.22 -14.01
C PRO C 40 4.58 -6.98 -14.30
N ALA C 41 5.21 -5.84 -14.56
CA ALA C 41 4.49 -4.58 -14.74
C ALA C 41 3.39 -4.68 -15.79
N ARG C 42 3.71 -5.29 -16.93
CA ARG C 42 2.74 -5.47 -18.02
C ARG C 42 1.54 -6.31 -17.57
N ASP C 43 1.80 -7.33 -16.76
CA ASP C 43 0.72 -8.18 -16.25
C ASP C 43 -0.17 -7.47 -15.22
N LYS C 44 0.38 -6.50 -14.51
CA LYS C 44 -0.42 -5.69 -13.59
C LYS C 44 -1.45 -4.90 -14.38
N LEU C 45 -1.00 -4.37 -15.52
CA LEU C 45 -1.89 -3.65 -16.43
C LEU C 45 -2.94 -4.59 -17.02
N ALA C 46 -2.52 -5.81 -17.36
CA ALA C 46 -3.42 -6.80 -17.94
C ALA C 46 -4.56 -7.17 -16.98
N GLN C 47 -4.26 -7.16 -15.68
CA GLN C 47 -5.25 -7.39 -14.64
C GLN C 47 -6.36 -6.33 -14.66
N LEU C 48 -6.05 -5.17 -15.22
CA LEU C 48 -7.00 -4.06 -15.22
C LEU C 48 -7.94 -4.14 -16.44
N LEU C 49 -7.81 -5.21 -17.21
CA LEU C 49 -8.57 -5.35 -18.46
C LEU C 49 -9.60 -6.48 -18.40
N THR C 50 -10.75 -6.26 -19.03
CA THR C 50 -11.74 -7.32 -19.25
C THR C 50 -12.15 -7.29 -20.73
N VAL C 51 -12.04 -8.43 -21.40
CA VAL C 51 -12.27 -8.47 -22.85
C VAL C 51 -13.25 -9.56 -23.29
N GLY C 52 -14.14 -9.22 -24.22
CA GLY C 52 -15.06 -10.19 -24.76
C GLY C 52 -14.33 -11.23 -25.59
N VAL C 53 -14.81 -12.47 -25.57
CA VAL C 53 -14.20 -13.54 -26.34
C VAL C 53 -15.22 -14.24 -27.24
N THR C 54 -14.76 -14.75 -28.39
CA THR C 54 -15.66 -15.37 -29.35
C THR C 54 -15.90 -16.85 -29.06
N ASP C 55 -14.88 -17.52 -28.53
CA ASP C 55 -14.95 -18.95 -28.27
C ASP C 55 -13.80 -19.38 -27.36
N ALA C 56 -13.75 -20.67 -27.04
CA ALA C 56 -12.77 -21.21 -26.10
C ALA C 56 -11.32 -20.95 -26.49
N ALA C 57 -11.03 -21.11 -27.78
CA ALA C 57 -9.67 -20.95 -28.29
C ALA C 57 -9.21 -19.49 -28.20
N ASP C 58 -10.16 -18.57 -28.39
CA ASP C 58 -9.89 -17.14 -28.27
C ASP C 58 -9.58 -16.78 -26.81
N ALA C 59 -10.41 -17.26 -25.89
CA ALA C 59 -10.20 -17.04 -24.47
C ALA C 59 -8.91 -17.72 -23.97
N ARG C 60 -8.68 -18.96 -24.41
CA ARG C 60 -7.47 -19.70 -24.00
C ARG C 60 -6.21 -18.95 -24.39
N ALA C 61 -6.21 -18.37 -25.58
CA ALA C 61 -5.07 -17.62 -26.08
C ALA C 61 -4.86 -16.27 -25.38
N VAL C 62 -5.92 -15.48 -25.22
CA VAL C 62 -5.77 -14.17 -24.60
C VAL C 62 -5.35 -14.27 -23.13
N VAL C 63 -5.87 -15.28 -22.43
CA VAL C 63 -5.49 -15.52 -21.04
C VAL C 63 -4.06 -16.05 -20.94
N ALA C 64 -3.73 -17.02 -21.80
CA ALA C 64 -2.39 -17.60 -21.79
C ALA C 64 -1.31 -16.61 -22.24
N ASP C 65 -1.59 -15.86 -23.30
CA ASP C 65 -0.61 -14.96 -23.91
C ASP C 65 -0.46 -13.61 -23.21
N HIS C 66 -1.57 -13.02 -22.79
CA HIS C 66 -1.53 -11.67 -22.25
C HIS C 66 -1.96 -11.53 -20.79
N HIS C 67 -2.49 -12.61 -20.22
CA HIS C 67 -2.86 -12.67 -18.80
C HIS C 67 -3.88 -11.60 -18.39
N VAL C 68 -4.91 -11.41 -19.21
CA VAL C 68 -5.98 -10.48 -18.86
C VAL C 68 -6.70 -10.96 -17.60
N GLY C 69 -7.08 -10.02 -16.74
CA GLY C 69 -7.72 -10.36 -15.49
C GLY C 69 -9.10 -10.96 -15.72
N GLY C 70 -9.75 -10.54 -16.80
CA GLY C 70 -11.11 -10.94 -17.06
C GLY C 70 -11.46 -11.13 -18.52
N ILE C 71 -12.42 -12.02 -18.78
CA ILE C 71 -12.98 -12.22 -20.10
C ILE C 71 -14.50 -12.16 -19.97
N ILE C 73 -18.46 -13.06 -21.51
CA ILE C 73 -19.38 -13.82 -22.36
C ILE C 73 -20.48 -12.87 -22.86
N GLY C 74 -20.69 -12.85 -24.18
CA GLY C 74 -21.71 -11.98 -24.77
C GLY C 74 -22.47 -12.68 -25.88
N SER C 75 -23.24 -11.93 -26.65
CA SER C 75 -24.03 -12.51 -27.74
C SER C 75 -23.13 -13.01 -28.88
N TRP C 76 -21.90 -12.50 -28.92
CA TRP C 76 -20.89 -12.88 -29.91
C TRP C 76 -20.13 -14.15 -29.50
N THR C 77 -20.61 -14.80 -28.45
CA THR C 77 -19.89 -15.91 -27.83
C THR C 77 -20.58 -17.25 -28.11
N ASP C 78 -19.79 -18.30 -28.26
CA ASP C 78 -20.29 -19.67 -28.42
C ASP C 78 -21.41 -20.01 -27.42
N ILE C 90 -9.40 -23.62 -18.70
CA ILE C 90 -8.76 -22.31 -18.86
C ILE C 90 -8.65 -21.60 -17.51
N ALA C 91 -9.76 -21.56 -16.78
CA ALA C 91 -9.79 -20.90 -15.48
C ALA C 91 -8.92 -21.59 -14.43
N ALA C 92 -8.74 -22.90 -14.58
CA ALA C 92 -7.90 -23.67 -13.65
C ALA C 92 -6.43 -23.33 -13.87
N SER C 93 -6.06 -23.02 -15.11
CA SER C 93 -4.68 -22.72 -15.48
C SER C 93 -4.30 -21.28 -15.15
N ALA C 94 -5.32 -20.44 -14.89
CA ALA C 94 -5.08 -19.04 -14.56
C ALA C 94 -4.28 -18.89 -13.26
N ALA C 95 -3.21 -18.10 -13.32
CA ALA C 95 -2.33 -17.87 -12.17
C ALA C 95 -1.42 -16.67 -12.42
N PRO C 96 -1.06 -15.93 -11.35
CA PRO C 96 -1.42 -16.16 -9.95
C PRO C 96 -2.85 -15.78 -9.57
N LEU C 97 -3.42 -14.76 -10.21
CA LEU C 97 -4.80 -14.39 -9.91
C LEU C 97 -5.80 -15.26 -10.68
N PRO C 98 -6.89 -15.66 -10.02
CA PRO C 98 -7.99 -16.39 -10.67
C PRO C 98 -8.58 -15.58 -11.81
N LEU C 99 -9.14 -16.26 -12.80
CA LEU C 99 -9.74 -15.59 -13.94
C LEU C 99 -11.15 -15.11 -13.63
N ALA C 100 -11.43 -13.85 -13.92
CA ALA C 100 -12.79 -13.35 -13.84
C ALA C 100 -13.54 -13.69 -15.13
N VAL C 101 -14.74 -14.24 -14.97
CA VAL C 101 -15.59 -14.54 -16.11
C VAL C 101 -16.90 -13.78 -15.94
N SER C 102 -17.15 -12.84 -16.84
CA SER C 102 -18.27 -11.93 -16.70
C SER C 102 -19.31 -12.11 -17.81
N VAL C 103 -20.52 -11.61 -17.56
CA VAL C 103 -21.64 -11.78 -18.47
C VAL C 103 -22.71 -10.71 -18.22
N ASP C 104 -23.49 -10.39 -19.24
CA ASP C 104 -24.72 -9.62 -19.10
C ASP C 104 -25.90 -10.57 -18.89
N GLU C 105 -26.21 -10.87 -17.64
CA GLU C 105 -27.37 -11.71 -17.32
C GLU C 105 -28.38 -10.94 -16.45
N GLU C 106 -29.13 -10.05 -17.11
CA GLU C 106 -30.15 -9.26 -16.44
C GLU C 106 -31.49 -9.99 -16.42
N GLY C 107 -31.75 -10.75 -17.48
CA GLY C 107 -33.07 -11.30 -17.75
C GLY C 107 -33.78 -10.42 -18.77
N GLY C 108 -34.93 -10.89 -19.25
CA GLY C 108 -35.69 -10.14 -20.24
C GLY C 108 -34.98 -10.02 -21.57
N ARG C 109 -34.75 -8.78 -22.02
CA ARG C 109 -34.09 -8.53 -23.29
C ARG C 109 -32.58 -8.78 -23.24
N VAL C 110 -32.01 -8.69 -22.04
CA VAL C 110 -30.58 -8.87 -21.87
C VAL C 110 -30.30 -10.09 -20.97
N SER C 111 -30.21 -11.25 -21.61
CA SER C 111 -30.01 -12.52 -20.91
C SER C 111 -29.20 -13.47 -21.79
N ARG C 112 -27.89 -13.30 -21.77
CA ARG C 112 -27.00 -14.02 -22.68
C ARG C 112 -26.90 -15.51 -22.37
N LEU C 113 -27.40 -15.89 -21.20
CA LEU C 113 -27.31 -17.28 -20.75
C LEU C 113 -28.66 -17.98 -20.69
N ALA C 114 -29.69 -17.33 -21.22
CA ALA C 114 -31.05 -17.87 -21.21
C ALA C 114 -31.13 -19.27 -21.82
N SER C 115 -30.33 -19.51 -22.86
CA SER C 115 -30.28 -20.82 -23.51
C SER C 115 -29.81 -21.93 -22.57
N LEU C 116 -29.10 -21.55 -21.50
CA LEU C 116 -28.50 -22.52 -20.60
C LEU C 116 -29.17 -22.57 -19.23
N ILE C 117 -29.58 -21.41 -18.73
CA ILE C 117 -30.14 -21.32 -17.39
C ILE C 117 -31.64 -21.00 -17.39
N GLY C 118 -32.23 -20.89 -18.58
CA GLY C 118 -33.65 -20.65 -18.70
C GLY C 118 -34.01 -19.18 -18.70
N SER C 119 -35.21 -18.86 -19.17
CA SER C 119 -35.66 -17.48 -19.30
C SER C 119 -36.06 -16.83 -17.98
N GLN C 120 -35.94 -15.50 -17.96
CA GLN C 120 -36.42 -14.70 -16.86
C GLN C 120 -37.05 -13.43 -17.42
N PRO C 121 -38.19 -13.01 -16.85
CA PRO C 121 -38.85 -11.75 -17.26
C PRO C 121 -37.90 -10.56 -17.03
N SER C 122 -38.20 -9.44 -17.69
CA SER C 122 -37.41 -8.23 -17.53
C SER C 122 -37.44 -7.73 -16.08
N ALA C 123 -36.46 -6.90 -15.73
CA ALA C 123 -36.44 -6.29 -14.41
C ALA C 123 -37.75 -5.53 -14.11
N ARG C 124 -38.21 -4.74 -15.08
CA ARG C 124 -39.46 -4.00 -14.91
C ARG C 124 -40.64 -4.96 -14.68
N GLU C 125 -40.65 -6.06 -15.42
CA GLU C 125 -41.74 -7.03 -15.28
C GLU C 125 -41.66 -7.79 -13.95
N LEU C 126 -40.43 -7.96 -13.45
CA LEU C 126 -40.23 -8.55 -12.13
C LEU C 126 -40.84 -7.67 -11.05
N ALA C 127 -40.63 -6.37 -11.17
CA ALA C 127 -41.16 -5.40 -10.20
C ALA C 127 -42.69 -5.35 -10.21
N ARG C 128 -43.29 -5.51 -11.38
CA ARG C 128 -44.75 -5.50 -11.50
C ARG C 128 -45.40 -6.75 -10.89
N THR C 129 -44.69 -7.88 -10.92
CA THR C 129 -45.33 -9.18 -10.69
C THR C 129 -44.80 -9.99 -9.50
N LYS C 130 -43.67 -9.58 -8.92
CA LYS C 130 -43.07 -10.32 -7.81
C LYS C 130 -42.76 -9.41 -6.62
N THR C 131 -42.64 -9.99 -5.44
CA THR C 131 -42.16 -9.27 -4.27
C THR C 131 -40.64 -9.20 -4.33
N ALA C 132 -40.05 -8.29 -3.55
CA ALA C 132 -38.59 -8.18 -3.48
C ALA C 132 -37.95 -9.50 -3.05
N ASP C 133 -38.60 -10.19 -2.12
CA ASP C 133 -38.05 -11.45 -1.60
C ASP C 133 -38.07 -12.55 -2.66
N GLU C 134 -39.12 -12.57 -3.47
CA GLU C 134 -39.20 -13.53 -4.56
C GLU C 134 -38.09 -13.25 -5.58
N VAL C 135 -37.86 -11.97 -5.86
CA VAL C 135 -36.77 -11.56 -6.74
C VAL C 135 -35.42 -12.01 -6.18
N TYR C 136 -35.26 -11.92 -4.87
CA TYR C 136 -34.05 -12.41 -4.22
C TYR C 136 -33.82 -13.89 -4.55
N GLY C 137 -34.86 -14.71 -4.38
CA GLY C 137 -34.77 -16.13 -4.66
C GLY C 137 -34.51 -16.43 -6.13
N ILE C 138 -35.10 -15.63 -7.00
CA ILE C 138 -34.87 -15.77 -8.44
C ILE C 138 -33.39 -15.54 -8.79
N ALA C 139 -32.82 -14.45 -8.28
CA ALA C 139 -31.42 -14.13 -8.51
C ALA C 139 -30.48 -15.16 -7.86
N LEU C 140 -30.85 -15.62 -6.67
CA LEU C 140 -30.09 -16.67 -5.98
C LEU C 140 -30.01 -17.92 -6.86
N ASP C 141 -31.17 -18.39 -7.31
CA ASP C 141 -31.26 -19.57 -8.15
C ASP C 141 -30.49 -19.39 -9.46
N ARG C 142 -30.66 -18.24 -10.10
CA ARG C 142 -30.00 -17.98 -11.38
C ARG C 142 -28.50 -17.76 -11.18
N GLY C 143 -28.13 -17.12 -10.08
CA GLY C 143 -26.73 -16.92 -9.75
C GLY C 143 -26.01 -18.25 -9.59
N ARG C 144 -26.66 -19.18 -8.90
CA ARG C 144 -26.09 -20.50 -8.66
C ARG C 144 -25.82 -21.25 -9.95
N LYS C 145 -26.76 -21.20 -10.88
CA LYS C 145 -26.63 -21.87 -12.16
C LYS C 145 -25.54 -21.20 -12.99
N ARG C 147 -22.90 -19.57 -11.66
CA ARG C 147 -21.66 -19.96 -11.01
C ARG C 147 -21.19 -21.32 -11.49
N ASP C 148 -22.11 -22.27 -11.52
CA ASP C 148 -21.83 -23.65 -11.95
C ASP C 148 -21.37 -23.70 -13.41
N LEU C 149 -21.63 -22.64 -14.17
CA LEU C 149 -21.17 -22.55 -15.55
C LEU C 149 -19.78 -21.89 -15.65
N GLY C 150 -19.28 -21.39 -14.52
CA GLY C 150 -17.97 -20.76 -14.48
C GLY C 150 -18.01 -19.25 -14.40
N VAL C 151 -19.20 -18.67 -14.43
CA VAL C 151 -19.35 -17.21 -14.34
C VAL C 151 -19.07 -16.70 -12.92
N THR C 152 -18.22 -15.69 -12.80
CA THR C 152 -17.82 -15.16 -11.49
C THR C 152 -18.38 -13.74 -11.27
N VAL C 153 -18.76 -13.08 -12.35
CA VAL C 153 -19.25 -11.71 -12.29
C VAL C 153 -20.45 -11.52 -13.23
N ASP C 154 -21.52 -10.91 -12.73
CA ASP C 154 -22.65 -10.58 -13.59
C ASP C 154 -22.81 -9.07 -13.63
N PHE C 155 -22.86 -8.50 -14.85
CA PHE C 155 -23.09 -7.07 -14.99
C PHE C 155 -24.58 -6.77 -14.77
N ALA C 156 -24.95 -6.81 -13.49
CA ALA C 156 -26.33 -6.71 -13.03
C ALA C 156 -26.27 -6.60 -11.52
N PRO C 157 -27.25 -5.90 -10.90
CA PRO C 157 -28.47 -5.37 -11.53
C PRO C 157 -28.31 -3.98 -12.11
N VAL C 158 -29.13 -3.69 -13.12
CA VAL C 158 -29.33 -2.32 -13.58
C VAL C 158 -30.03 -1.57 -12.47
N VAL C 159 -29.47 -0.43 -12.07
CA VAL C 159 -30.11 0.45 -11.09
C VAL C 159 -30.51 1.79 -11.72
N ASP C 160 -30.49 1.82 -13.06
CA ASP C 160 -31.01 2.97 -13.79
C ASP C 160 -32.49 3.15 -13.43
N VAL C 161 -32.92 4.40 -13.33
CA VAL C 161 -34.29 4.74 -12.97
C VAL C 161 -34.99 5.40 -14.18
N THR C 162 -36.12 4.84 -14.61
CA THR C 162 -36.81 5.37 -15.80
C THR C 162 -38.22 4.83 -16.01
N ASP C 163 -39.07 5.64 -16.64
CA ASP C 163 -40.39 5.16 -17.08
C ASP C 163 -40.45 5.11 -18.60
N ALA C 164 -39.28 5.07 -19.23
CA ALA C 164 -39.16 5.06 -20.68
C ALA C 164 -39.77 3.78 -21.27
N ALA C 165 -40.25 3.89 -22.51
CA ALA C 165 -40.81 2.75 -23.24
C ALA C 165 -39.92 1.51 -23.14
N ALA C 166 -40.55 0.35 -23.02
CA ALA C 166 -39.86 -0.91 -22.70
C ALA C 166 -38.73 -1.28 -23.65
N ASP C 167 -38.93 -1.10 -24.96
CA ASP C 167 -37.93 -1.53 -25.93
C ASP C 167 -36.84 -0.48 -26.24
N THR C 168 -36.74 0.55 -25.41
CA THR C 168 -35.68 1.55 -25.57
C THR C 168 -34.39 1.06 -24.91
N VAL C 169 -33.31 1.84 -24.98
CA VAL C 169 -31.98 1.39 -24.51
C VAL C 169 -31.96 0.83 -23.08
N ILE C 170 -32.63 1.52 -22.15
CA ILE C 170 -32.77 0.99 -20.80
C ILE C 170 -34.15 0.34 -20.71
N GLY C 171 -35.19 1.17 -20.77
CA GLY C 171 -36.56 0.69 -20.81
C GLY C 171 -36.91 -0.32 -19.72
N ASP C 172 -37.28 -1.53 -20.12
CA ASP C 172 -37.70 -2.57 -19.18
C ASP C 172 -36.53 -3.21 -18.41
N ARG C 173 -35.30 -2.82 -18.74
CA ARG C 173 -34.14 -3.27 -17.97
C ARG C 173 -34.08 -2.56 -16.62
N SER C 174 -34.90 -1.52 -16.47
CA SER C 174 -35.02 -0.79 -15.20
C SER C 174 -36.13 -1.36 -14.32
N PHE C 175 -35.84 -1.54 -13.04
CA PHE C 175 -36.84 -2.03 -12.09
C PHE C 175 -37.99 -1.05 -11.86
N GLY C 176 -37.76 0.24 -12.14
CA GLY C 176 -38.81 1.22 -11.91
C GLY C 176 -38.42 2.68 -12.09
N SER C 177 -39.43 3.54 -12.12
CA SER C 177 -39.23 4.98 -12.21
C SER C 177 -39.16 5.62 -10.82
N ASP C 178 -39.57 4.88 -9.80
CA ASP C 178 -39.45 5.31 -8.42
C ASP C 178 -38.14 4.75 -7.87
N PRO C 179 -37.18 5.64 -7.56
CA PRO C 179 -35.87 5.23 -7.04
C PRO C 179 -35.95 4.30 -5.82
N ALA C 180 -36.97 4.45 -4.98
CA ALA C 180 -37.13 3.56 -3.82
C ALA C 180 -37.43 2.12 -4.23
N VAL C 181 -38.27 1.97 -5.25
CA VAL C 181 -38.57 0.66 -5.85
C VAL C 181 -37.32 0.00 -6.44
N VAL C 182 -36.51 0.78 -7.14
CA VAL C 182 -35.24 0.30 -7.68
C VAL C 182 -34.33 -0.20 -6.56
N THR C 183 -34.11 0.64 -5.56
CA THR C 183 -33.28 0.27 -4.41
C THR C 183 -33.74 -1.05 -3.81
N GLU C 184 -35.04 -1.18 -3.60
CA GLU C 184 -35.61 -2.38 -2.99
C GLU C 184 -35.41 -3.62 -3.86
N TYR C 185 -35.74 -3.51 -5.13
CA TYR C 185 -35.67 -4.66 -6.03
C TYR C 185 -34.25 -4.96 -6.56
N ALA C 186 -33.55 -3.95 -7.03
CA ALA C 186 -32.16 -4.16 -7.46
C ALA C 186 -31.29 -4.61 -6.27
N GLY C 187 -31.65 -4.12 -5.08
CA GLY C 187 -30.97 -4.53 -3.87
C GLY C 187 -31.09 -6.03 -3.66
N ALA C 188 -32.31 -6.54 -3.84
CA ALA C 188 -32.58 -7.96 -3.67
C ALA C 188 -31.89 -8.80 -4.74
N TYR C 189 -31.87 -8.31 -5.97
CA TYR C 189 -31.23 -9.04 -7.08
C TYR C 189 -29.73 -9.17 -6.86
N ALA C 190 -29.10 -8.09 -6.41
CA ALA C 190 -27.67 -8.11 -6.12
C ALA C 190 -27.37 -9.02 -4.92
N ARG C 191 -28.29 -9.03 -3.96
CA ARG C 191 -28.17 -9.86 -2.77
C ARG C 191 -28.17 -11.34 -3.15
N GLY C 192 -29.09 -11.71 -4.04
CA GLY C 192 -29.20 -13.08 -4.52
C GLY C 192 -27.95 -13.55 -5.25
N LEU C 193 -27.47 -12.73 -6.19
CA LEU C 193 -26.25 -13.03 -6.93
C LEU C 193 -25.08 -13.20 -5.97
N ARG C 194 -24.99 -12.25 -5.04
CA ARG C 194 -23.93 -12.25 -4.02
C ARG C 194 -23.96 -13.55 -3.19
N ASP C 195 -25.15 -13.90 -2.71
CA ASP C 195 -25.31 -15.10 -1.88
C ASP C 195 -25.11 -16.39 -2.68
N ALA C 196 -25.03 -16.26 -4.00
CA ALA C 196 -24.74 -17.40 -4.88
C ALA C 196 -23.26 -17.44 -5.24
N GLY C 197 -22.50 -16.47 -4.75
CA GLY C 197 -21.07 -16.42 -5.00
C GLY C 197 -20.70 -15.69 -6.29
N VAL C 198 -21.63 -14.90 -6.82
CA VAL C 198 -21.36 -14.09 -8.01
C VAL C 198 -21.22 -12.62 -7.63
N LEU C 199 -20.24 -11.94 -8.21
CA LEU C 199 -20.08 -10.50 -7.99
C LEU C 199 -21.11 -9.71 -8.79
N PRO C 200 -21.99 -8.98 -8.10
CA PRO C 200 -22.92 -8.12 -8.83
C PRO C 200 -22.27 -6.77 -9.16
N VAL C 201 -22.74 -6.15 -10.24
CA VAL C 201 -22.23 -4.86 -10.68
C VAL C 201 -23.38 -3.90 -10.93
N LEU C 202 -23.48 -2.86 -10.09
CA LEU C 202 -24.54 -1.87 -10.24
C LEU C 202 -24.24 -0.97 -11.45
N LYS C 203 -25.22 -0.75 -12.32
CA LYS C 203 -25.01 0.01 -13.54
C LYS C 203 -26.29 0.79 -13.92
N HIS C 204 -26.16 1.89 -14.69
CA HIS C 204 -24.88 2.44 -15.15
C HIS C 204 -24.63 3.82 -14.52
N PHE C 205 -23.63 3.90 -13.65
CA PHE C 205 -23.32 5.09 -12.87
C PHE C 205 -22.85 6.27 -13.73
N PRO C 206 -23.30 7.50 -13.41
CA PRO C 206 -24.25 7.81 -12.33
C PRO C 206 -25.73 7.81 -12.75
N GLY C 207 -26.08 7.18 -13.89
CA GLY C 207 -27.49 7.06 -14.26
C GLY C 207 -27.80 7.24 -15.74
N HIS C 208 -28.16 6.15 -16.41
CA HIS C 208 -28.46 6.18 -17.84
C HIS C 208 -29.98 6.27 -18.07
N GLY C 209 -30.74 6.18 -16.98
CA GLY C 209 -32.20 6.14 -17.04
C GLY C 209 -32.84 7.31 -17.76
N HIS C 210 -32.31 8.51 -17.56
CA HIS C 210 -32.89 9.71 -18.18
C HIS C 210 -31.94 10.35 -19.18
N ALA C 211 -31.05 9.56 -19.78
CA ALA C 211 -30.13 10.05 -20.80
C ALA C 211 -30.88 10.43 -22.07
N SER C 212 -30.27 11.29 -22.89
CA SER C 212 -30.90 11.84 -24.08
C SER C 212 -31.01 10.86 -25.25
N GLY C 213 -30.43 9.67 -25.10
CA GLY C 213 -30.48 8.70 -26.19
C GLY C 213 -29.78 7.39 -25.88
N ASP C 214 -29.37 6.69 -26.92
CA ASP C 214 -28.71 5.39 -26.80
C ASP C 214 -27.19 5.53 -26.97
N SER C 215 -26.44 5.23 -25.91
CA SER C 215 -24.98 5.36 -25.96
C SER C 215 -24.28 4.30 -26.83
N HIS C 216 -25.02 3.27 -27.25
CA HIS C 216 -24.49 2.30 -28.21
C HIS C 216 -24.27 2.94 -29.58
N THR C 217 -25.06 3.96 -29.90
CA THR C 217 -25.05 4.53 -31.24
C THR C 217 -24.47 5.94 -31.32
N GLY C 218 -24.24 6.58 -30.17
CA GLY C 218 -23.71 7.93 -30.16
C GLY C 218 -23.63 8.55 -28.77
N GLY C 219 -23.20 9.81 -28.71
CA GLY C 219 -23.11 10.53 -27.44
C GLY C 219 -24.48 10.81 -26.83
N VAL C 220 -24.54 10.78 -25.49
CA VAL C 220 -25.78 11.10 -24.79
C VAL C 220 -25.48 11.93 -23.54
N THR C 221 -26.51 12.60 -23.04
CA THR C 221 -26.38 13.48 -21.88
C THR C 221 -27.51 13.19 -20.89
N THR C 222 -27.19 13.27 -19.60
CA THR C 222 -28.15 13.05 -18.52
C THR C 222 -28.71 14.39 -18.04
N PRO C 223 -29.74 14.35 -17.16
CA PRO C 223 -30.08 15.58 -16.43
C PRO C 223 -28.89 16.05 -15.60
N PRO C 224 -28.88 17.32 -15.17
CA PRO C 224 -27.72 17.80 -14.39
C PRO C 224 -27.52 17.01 -13.10
N LEU C 225 -26.29 17.06 -12.56
CA LEU C 225 -25.94 16.33 -11.35
C LEU C 225 -26.87 16.63 -10.16
N ASP C 226 -27.26 17.89 -10.01
CA ASP C 226 -28.15 18.28 -8.90
C ASP C 226 -29.48 17.53 -8.99
N VAL C 227 -29.88 17.16 -10.21
CA VAL C 227 -31.10 16.40 -10.41
C VAL C 227 -30.88 14.90 -10.16
N LEU C 228 -29.80 14.34 -10.70
CA LEU C 228 -29.43 12.95 -10.43
C LEU C 228 -29.37 12.66 -8.91
N GLY C 230 -31.12 13.56 -6.34
CA GLY C 230 -32.37 13.25 -5.67
C GLY C 230 -33.21 12.24 -6.43
N ASP C 231 -32.65 11.66 -7.48
CA ASP C 231 -33.37 10.71 -8.32
C ASP C 231 -32.49 9.50 -8.69
N ASP C 232 -31.77 9.62 -9.80
CA ASP C 232 -30.96 8.54 -10.36
C ASP C 232 -29.92 7.95 -9.41
N LEU C 233 -29.36 8.79 -8.53
CA LEU C 233 -28.27 8.37 -7.65
C LEU C 233 -28.77 7.72 -6.36
N VAL C 234 -30.06 7.86 -6.09
CA VAL C 234 -30.65 7.32 -4.86
C VAL C 234 -30.31 5.85 -4.55
N PRO C 235 -30.48 4.93 -5.53
CA PRO C 235 -30.16 3.52 -5.25
C PRO C 235 -28.71 3.30 -4.81
N TYR C 236 -27.78 4.06 -5.36
CA TYR C 236 -26.36 3.89 -5.03
C TYR C 236 -26.06 4.23 -3.56
N ARG C 237 -26.89 5.08 -2.95
CA ARG C 237 -26.68 5.54 -1.58
C ARG C 237 -26.48 4.40 -0.60
N THR C 238 -27.29 3.36 -0.75
CA THR C 238 -27.23 2.20 0.15
C THR C 238 -26.61 0.98 -0.52
N LEU C 239 -26.80 0.85 -1.83
CA LEU C 239 -26.38 -0.38 -2.50
C LEU C 239 -24.86 -0.57 -2.62
N THR C 240 -24.11 0.53 -2.61
CA THR C 240 -22.64 0.44 -2.71
C THR C 240 -22.00 -0.12 -1.43
N GLY C 241 -22.79 -0.19 -0.35
CA GLY C 241 -22.29 -0.66 0.93
C GLY C 241 -22.64 -2.10 1.25
N GLN C 242 -23.26 -2.80 0.30
CA GLN C 242 -23.52 -4.23 0.43
C GLN C 242 -22.41 -5.02 -0.26
N ALA C 243 -21.36 -5.37 0.49
CA ALA C 243 -20.19 -6.02 -0.10
C ALA C 243 -20.31 -7.54 -0.15
N PRO C 244 -19.72 -8.18 -1.18
CA PRO C 244 -19.01 -7.51 -2.28
C PRO C 244 -19.95 -6.99 -3.36
N VAL C 245 -19.57 -5.88 -3.97
CA VAL C 245 -20.33 -5.30 -5.07
C VAL C 245 -19.39 -4.40 -5.88
N ALA C 246 -19.64 -4.32 -7.19
CA ALA C 246 -18.88 -3.43 -8.04
C ALA C 246 -19.84 -2.40 -8.66
N VAL C 247 -19.28 -1.39 -9.30
CA VAL C 247 -20.06 -0.36 -9.99
C VAL C 247 -19.56 -0.28 -11.42
N VAL C 249 -19.54 2.27 -14.70
CA VAL C 249 -19.77 3.65 -15.15
C VAL C 249 -20.14 3.70 -16.64
N GLY C 250 -21.17 4.46 -16.98
CA GLY C 250 -21.64 4.55 -18.36
C GLY C 250 -20.92 5.62 -19.17
N HIS C 251 -21.33 5.79 -20.43
CA HIS C 251 -20.66 6.73 -21.32
C HIS C 251 -21.40 8.07 -21.43
N GLN C 253 -22.60 11.86 -20.84
CA GLN C 253 -22.09 13.14 -20.34
C GLN C 253 -23.05 13.67 -19.27
N VAL C 254 -22.49 14.21 -18.19
CA VAL C 254 -23.30 14.68 -17.07
C VAL C 254 -23.03 16.16 -16.81
N PRO C 255 -24.03 17.01 -17.09
CA PRO C 255 -23.90 18.45 -16.79
C PRO C 255 -23.63 18.63 -15.30
N GLY C 256 -22.74 19.56 -14.97
CA GLY C 256 -22.36 19.78 -13.58
C GLY C 256 -21.34 18.77 -13.08
N LEU C 257 -20.94 17.82 -13.92
CA LEU C 257 -19.97 16.81 -13.49
C LEU C 257 -18.84 16.57 -14.50
N THR C 258 -19.21 16.18 -15.72
CA THR C 258 -18.22 15.71 -16.70
C THR C 258 -17.94 16.68 -17.84
N GLY C 259 -18.80 17.69 -18.00
CA GLY C 259 -18.74 18.52 -19.19
C GLY C 259 -18.89 17.63 -20.43
N SER C 260 -18.10 17.90 -21.46
CA SER C 260 -18.19 17.16 -22.71
C SER C 260 -17.62 15.73 -22.66
N ASP C 261 -16.97 15.37 -21.55
CA ASP C 261 -16.41 14.02 -21.43
C ASP C 261 -17.50 12.98 -21.12
N PRO C 262 -17.39 11.79 -21.74
CA PRO C 262 -18.22 10.67 -21.30
C PRO C 262 -17.90 10.37 -19.83
N ALA C 263 -18.89 10.00 -19.04
CA ALA C 263 -18.67 9.74 -17.61
C ALA C 263 -17.55 8.73 -17.39
N SER C 264 -17.48 7.72 -18.26
CA SER C 264 -16.49 6.66 -18.14
C SER C 264 -15.04 7.14 -18.29
N LEU C 265 -14.85 8.29 -18.94
CA LEU C 265 -13.52 8.82 -19.20
C LEU C 265 -13.24 10.11 -18.43
N SER C 266 -14.12 10.45 -17.49
CA SER C 266 -13.96 11.68 -16.71
C SER C 266 -13.52 11.38 -15.29
N PRO C 267 -12.40 11.97 -14.85
CA PRO C 267 -11.92 11.80 -13.46
C PRO C 267 -12.94 12.26 -12.43
N ALA C 268 -13.80 13.20 -12.78
CA ALA C 268 -14.80 13.72 -11.86
C ALA C 268 -15.78 12.63 -11.40
N VAL C 269 -16.09 11.71 -12.31
CA VAL C 269 -17.03 10.64 -12.03
C VAL C 269 -16.49 9.69 -10.97
N TYR C 270 -15.25 9.25 -11.19
CA TYR C 270 -14.59 8.33 -10.27
C TYR C 270 -14.35 9.03 -8.95
N ASN C 271 -13.93 10.29 -9.01
CA ASN C 271 -13.78 11.10 -7.80
C ASN C 271 -15.06 11.14 -6.98
N LEU C 272 -16.19 11.29 -7.68
CA LEU C 272 -17.51 11.35 -7.05
C LEU C 272 -17.77 10.08 -6.23
N LEU C 273 -17.39 8.93 -6.77
CA LEU C 273 -17.53 7.66 -6.07
C LEU C 273 -16.64 7.56 -4.83
N ARG C 274 -15.34 7.80 -5.02
CA ARG C 274 -14.36 7.63 -3.93
C ARG C 274 -14.58 8.62 -2.78
N SER C 275 -15.14 9.78 -3.12
CA SER C 275 -15.29 10.89 -2.18
C SER C 275 -16.68 10.93 -1.52
N GLY C 276 -17.53 9.99 -1.91
CA GLY C 276 -18.88 9.93 -1.36
C GLY C 276 -19.73 11.12 -1.79
N GLY C 277 -19.36 11.77 -2.88
CA GLY C 277 -20.09 12.92 -3.39
C GLY C 277 -21.41 12.58 -4.08
N TYR C 278 -21.66 11.29 -4.29
CA TYR C 278 -22.90 10.87 -4.97
C TYR C 278 -24.06 10.70 -4.00
N GLY C 279 -23.85 11.01 -2.72
CA GLY C 279 -24.89 10.89 -1.72
C GLY C 279 -24.76 9.64 -0.85
N GLY C 280 -23.78 8.80 -1.18
CA GLY C 280 -23.47 7.65 -0.35
C GLY C 280 -22.09 7.82 0.27
N PRO C 281 -21.65 6.81 1.03
CA PRO C 281 -20.31 6.82 1.63
C PRO C 281 -19.21 6.74 0.56
N GLY C 282 -17.96 7.00 0.94
CA GLY C 282 -16.85 6.81 0.03
C GLY C 282 -16.82 5.37 -0.44
N PHE C 283 -16.61 5.17 -1.73
CA PHE C 283 -16.67 3.81 -2.27
C PHE C 283 -15.29 3.29 -2.69
N GLY C 284 -14.80 2.28 -1.99
CA GLY C 284 -13.48 1.72 -2.24
C GLY C 284 -13.46 0.46 -3.09
N GLY C 285 -14.63 0.03 -3.55
CA GLY C 285 -14.73 -1.20 -4.31
C GLY C 285 -14.34 -1.08 -5.78
N LEU C 286 -14.55 -2.16 -6.52
CA LEU C 286 -14.16 -2.24 -7.94
C LEU C 286 -15.08 -1.41 -8.84
N VAL C 287 -14.48 -0.66 -9.77
CA VAL C 287 -15.25 0.12 -10.73
C VAL C 287 -14.88 -0.27 -12.17
N TYR C 288 -15.88 -0.74 -12.92
CA TYR C 288 -15.74 -1.07 -14.35
C TYR C 288 -16.17 0.09 -15.24
N THR C 289 -15.74 0.07 -16.50
CA THR C 289 -16.35 0.90 -17.54
C THR C 289 -17.35 0.07 -18.33
N ASP C 290 -18.30 0.75 -18.98
CA ASP C 290 -19.12 0.09 -19.99
C ASP C 290 -18.20 -0.23 -21.20
N ASP C 291 -18.76 -0.91 -22.19
CA ASP C 291 -18.02 -1.32 -23.40
C ASP C 291 -17.37 -0.12 -24.11
N LEU C 292 -16.03 -0.14 -24.20
CA LEU C 292 -15.26 0.95 -24.80
C LEU C 292 -14.98 0.81 -26.30
N SER C 293 -15.32 -0.34 -26.88
CA SER C 293 -14.98 -0.58 -28.28
C SER C 293 -16.16 -0.49 -29.27
N SER C 294 -17.31 -1.05 -28.90
CA SER C 294 -18.43 -1.13 -29.87
C SER C 294 -19.43 0.00 -29.71
N GLY C 296 -20.90 3.69 -29.66
CA GLY C 296 -20.72 4.95 -30.38
C GLY C 296 -20.25 6.11 -29.52
N ALA C 297 -20.79 6.21 -28.31
CA ALA C 297 -20.42 7.30 -27.40
C ALA C 297 -18.91 7.39 -27.20
N ILE C 298 -18.23 6.25 -27.31
CA ILE C 298 -16.77 6.20 -27.20
C ILE C 298 -16.07 6.09 -28.56
N ASN C 299 -16.45 5.09 -29.37
CA ASN C 299 -15.66 4.78 -30.56
C ASN C 299 -15.71 5.81 -31.71
N GLN C 300 -16.64 6.76 -31.61
CA GLN C 300 -16.73 7.84 -32.58
C GLN C 300 -15.74 8.95 -32.23
N ARG C 301 -15.15 8.84 -31.04
CA ARG C 301 -14.23 9.86 -30.55
C ARG C 301 -12.83 9.29 -30.32
N TYR C 302 -12.77 8.09 -29.75
CA TYR C 302 -11.48 7.51 -29.38
C TYR C 302 -11.32 6.06 -29.85
N GLY C 303 -10.09 5.71 -30.22
CA GLY C 303 -9.75 4.32 -30.47
C GLY C 303 -9.73 3.56 -29.16
N VAL C 304 -9.60 2.24 -29.23
CA VAL C 304 -9.65 1.39 -28.04
C VAL C 304 -8.52 1.67 -27.05
N ALA C 305 -7.28 1.70 -27.55
CA ALA C 305 -6.13 1.94 -26.68
C ALA C 305 -6.23 3.32 -26.03
N ASP C 306 -6.61 4.32 -26.83
CA ASP C 306 -6.83 5.68 -26.35
C ASP C 306 -7.91 5.73 -25.25
N ALA C 307 -9.03 5.04 -25.49
CA ALA C 307 -10.14 5.02 -24.53
C ALA C 307 -9.78 4.33 -23.21
N VAL C 308 -9.13 3.17 -23.32
CA VAL C 308 -8.70 2.41 -22.15
C VAL C 308 -7.77 3.25 -21.29
N LEU C 309 -6.79 3.91 -21.93
CA LEU C 309 -5.88 4.79 -21.22
C LEU C 309 -6.64 5.90 -20.46
N ARG C 310 -7.54 6.59 -21.16
CA ARG C 310 -8.36 7.65 -20.55
C ARG C 310 -9.17 7.14 -19.36
N ALA C 311 -9.84 6.00 -19.54
CA ALA C 311 -10.60 5.38 -18.47
C ALA C 311 -9.73 5.15 -17.23
N LEU C 312 -8.56 4.55 -17.45
CA LEU C 312 -7.65 4.29 -16.34
C LEU C 312 -7.08 5.58 -15.74
N GLN C 313 -6.80 6.56 -16.60
CA GLN C 313 -6.37 7.89 -16.14
C GLN C 313 -7.45 8.53 -15.28
N ALA C 314 -8.71 8.37 -15.69
CA ALA C 314 -9.84 8.95 -14.97
C ALA C 314 -10.07 8.28 -13.62
N GLY C 315 -9.69 7.01 -13.49
CA GLY C 315 -9.82 6.31 -12.22
C GLY C 315 -10.62 5.01 -12.24
N ALA C 316 -10.94 4.51 -13.44
CA ALA C 316 -11.55 3.19 -13.57
C ALA C 316 -10.56 2.12 -13.10
N ASP C 317 -11.08 1.07 -12.47
CA ASP C 317 -10.25 -0.04 -12.02
C ASP C 317 -10.17 -1.14 -13.06
N ASN C 318 -11.17 -1.17 -13.95
CA ASN C 318 -11.26 -2.24 -14.93
C ASN C 318 -11.82 -1.71 -16.25
N ALA C 319 -10.99 -1.71 -17.29
CA ALA C 319 -11.41 -1.22 -18.60
C ALA C 319 -11.95 -2.39 -19.40
N LEU C 320 -13.18 -2.24 -19.89
CA LEU C 320 -13.91 -3.33 -20.54
C LEU C 320 -14.16 -3.02 -22.01
N TRP C 321 -13.89 -4.00 -22.87
CA TRP C 321 -14.33 -3.94 -24.26
C TRP C 321 -14.53 -5.35 -24.82
N ILE C 322 -15.13 -5.47 -26.00
CA ILE C 322 -15.71 -6.75 -26.40
C ILE C 322 -14.91 -7.61 -27.41
N THR C 323 -13.65 -7.26 -27.65
CA THR C 323 -12.78 -8.05 -28.53
C THR C 323 -11.39 -8.26 -27.93
N THR C 324 -10.72 -9.31 -28.35
CA THR C 324 -9.39 -9.65 -27.82
C THR C 324 -8.26 -9.05 -28.67
N ALA C 325 -8.56 -8.78 -29.95
CA ALA C 325 -7.57 -8.30 -30.91
C ALA C 325 -6.69 -7.15 -30.42
N GLU C 326 -7.31 -6.19 -29.72
CA GLU C 326 -6.63 -4.97 -29.30
C GLU C 326 -5.71 -5.13 -28.08
N VAL C 327 -5.78 -6.27 -27.40
CA VAL C 327 -5.07 -6.43 -26.13
C VAL C 327 -3.57 -6.06 -26.16
N PRO C 328 -2.78 -6.62 -27.11
CA PRO C 328 -1.36 -6.26 -27.16
C PRO C 328 -1.13 -4.76 -27.39
N ALA C 329 -1.87 -4.18 -28.32
CA ALA C 329 -1.76 -2.74 -28.61
C ALA C 329 -2.10 -1.90 -27.40
N VAL C 330 -3.15 -2.29 -26.67
CA VAL C 330 -3.57 -1.60 -25.46
C VAL C 330 -2.48 -1.63 -24.38
N LEU C 331 -1.91 -2.82 -24.15
CA LEU C 331 -0.86 -2.98 -23.14
C LEU C 331 0.40 -2.14 -23.47
N ASP C 332 0.80 -2.11 -24.73
CA ASP C 332 1.91 -1.27 -25.16
C ASP C 332 1.64 0.20 -24.83
N ARG C 333 0.44 0.68 -25.18
CA ARG C 333 0.06 2.06 -24.92
C ARG C 333 0.09 2.40 -23.44
N LEU C 334 -0.41 1.48 -22.61
CA LEU C 334 -0.42 1.69 -21.16
C LEU C 334 1.01 1.72 -20.60
N GLU C 335 1.84 0.79 -21.07
CA GLU C 335 3.25 0.75 -20.68
C GLU C 335 3.96 2.05 -21.06
N GLN C 336 3.61 2.58 -22.23
CA GLN C 336 4.18 3.84 -22.69
C GLN C 336 3.67 5.01 -21.85
N ALA C 337 2.42 4.93 -21.42
CA ALA C 337 1.84 5.95 -20.56
C ALA C 337 2.54 5.99 -19.19
N LEU C 338 2.86 4.82 -18.67
CA LEU C 338 3.62 4.72 -17.43
C LEU C 338 4.99 5.36 -17.62
N ALA C 339 5.57 5.17 -18.81
CA ALA C 339 6.90 5.66 -19.11
C ALA C 339 6.94 7.18 -19.27
N SER C 340 5.85 7.75 -19.78
CA SER C 340 5.78 9.17 -20.10
C SER C 340 5.27 10.02 -18.94
N GLY C 341 4.72 9.35 -17.91
CA GLY C 341 4.11 10.03 -16.80
C GLY C 341 2.63 10.32 -17.02
N GLU C 342 2.07 9.79 -18.10
CA GLU C 342 0.65 9.95 -18.41
C GLU C 342 -0.24 9.12 -17.49
N LEU C 343 0.36 8.10 -16.89
CA LEU C 343 -0.35 7.20 -15.99
C LEU C 343 0.54 6.96 -14.78
N ASN C 344 -0.04 7.04 -13.58
CA ASN C 344 0.73 6.82 -12.34
C ASN C 344 0.73 5.36 -11.89
N GLN C 345 1.90 4.83 -11.57
CA GLN C 345 2.01 3.45 -11.06
C GLN C 345 1.12 3.23 -9.83
N GLY C 346 1.02 4.25 -8.99
CA GLY C 346 0.21 4.18 -7.77
C GLY C 346 -1.28 4.01 -8.05
N ALA C 347 -1.77 4.62 -9.12
CA ALA C 347 -3.18 4.46 -9.50
C ALA C 347 -3.41 3.03 -9.99
N VAL C 348 -2.46 2.51 -10.75
CA VAL C 348 -2.50 1.13 -11.21
C VAL C 348 -2.44 0.16 -10.02
N ASP C 349 -1.55 0.42 -9.08
CA ASP C 349 -1.42 -0.39 -7.87
C ASP C 349 -2.73 -0.46 -7.09
N ALA C 350 -3.36 0.69 -6.89
CA ALA C 350 -4.63 0.76 -6.18
C ALA C 350 -5.70 -0.07 -6.90
N SER C 351 -5.78 0.10 -8.22
CA SER C 351 -6.73 -0.65 -9.03
C SER C 351 -6.42 -2.15 -9.06
N LEU C 352 -5.12 -2.49 -9.04
CA LEU C 352 -4.71 -3.88 -8.99
C LEU C 352 -5.23 -4.50 -7.70
N GLN C 353 -5.02 -3.80 -6.59
CA GLN C 353 -5.51 -4.24 -5.28
C GLN C 353 -7.02 -4.45 -5.26
N ARG C 354 -7.77 -3.52 -5.85
CA ARG C 354 -9.23 -3.62 -5.87
C ARG C 354 -9.69 -4.84 -6.68
N ASN C 355 -9.02 -5.08 -7.80
CA ASN C 355 -9.29 -6.25 -8.63
C ASN C 355 -9.03 -7.56 -7.91
N ALA C 356 -7.93 -7.64 -7.17
CA ALA C 356 -7.59 -8.84 -6.43
C ALA C 356 -8.56 -9.07 -5.27
N ALA C 357 -9.08 -7.98 -4.71
CA ALA C 357 -9.92 -8.03 -3.52
C ALA C 357 -11.20 -8.85 -3.72
N VAL C 358 -11.74 -8.81 -4.94
CA VAL C 358 -12.96 -9.53 -5.27
C VAL C 358 -12.70 -10.92 -5.82
N LYS C 359 -11.43 -11.32 -5.85
CA LYS C 359 -11.06 -12.61 -6.43
C LYS C 359 -10.59 -13.60 -5.37
N GLY C 360 -10.48 -14.87 -5.77
CA GLY C 360 -9.98 -15.91 -4.89
C GLY C 360 -8.52 -15.74 -4.58
N PRO C 361 -7.92 -16.70 -3.86
CA PRO C 361 -6.55 -16.53 -3.40
C PRO C 361 -5.57 -16.54 -4.56
N LEU C 362 -4.45 -15.84 -4.41
CA LEU C 362 -3.34 -15.96 -5.34
C LEU C 362 -2.92 -17.43 -5.39
N ARG C 363 -2.53 -17.89 -6.57
CA ARG C 363 -2.13 -19.28 -6.74
C ARG C 363 -0.64 -19.36 -7.08
N CYS C 364 0.19 -19.16 -6.07
CA CYS C 364 1.64 -19.27 -6.25
C CYS C 364 2.08 -20.70 -5.92
#